data_2R8J
#
_entry.id   2R8J
#
_cell.length_a   104.090
_cell.length_b   104.090
_cell.length_c   293.050
_cell.angle_alpha   90.00
_cell.angle_beta   90.00
_cell.angle_gamma   90.00
#
_symmetry.space_group_name_H-M   'P 41 21 2'
#
loop_
_entity.id
_entity.type
_entity.pdbx_description
1 polymer "DNA (5'-D(*DGP*DTP*DGP*DGP*DAP*DTP*DGP*DAP*DG)-3')"
2 polymer "DNA (5'-D(P*DGP*DGP*DCP*DTP*DCP*DAP*DTP*DCP*DCP*DAP*DC)-3')"
3 polymer 'DNA polymerase eta'
4 non-polymer Cisplatin
5 non-polymer 'CALCIUM ION'
6 non-polymer "2'-DEOXYCYTIDINE-5'-TRIPHOSPHATE"
7 water water
#
loop_
_entity_poly.entity_id
_entity_poly.type
_entity_poly.pdbx_seq_one_letter_code
_entity_poly.pdbx_strand_id
1 'polydeoxyribonucleotide' (DG)(DT)(DG)(DG)(DA)(DT)(DG)(DA)(DG) Q,P
2 'polydeoxyribonucleotide' (DG)(DG)(DC)(DT)(DC)(DA)(DT)(DC)(DC)(DA)(DC) U,T
3 'polypeptide(L)'
;MASWSHPQFEKGASTSLYKKAGRMSKFTWKELIQLGSPSKAYESSLACIAHIDMNAFFAQVEQMRCGLSKEDPVVCVQWN
SIIAVSYAARKYGISRMDTIQEALKKCSNLIPIHTAVFKKGEDFWQYHDGCGSWVQDPAKQISVEDHKVSLEPYRRESRK
ALKIFKSACDLVERASIDEVFLDLGRICFNMLMFDNEYELTGDLKLKDALSNIREAFIGGNYDINSHLPLIPEKIKSLKF
EGDVFNPEGRDLITDWDDVILALGSQVCKGIRDSIKDILGYTTSCGLSSTKNVCKLASNYKKPDAQTIVKNDCLLDFLDC
GKFEITSFWTLGGVLGKELIDVLDLPHENSIKHIRETWPDNAGQLKEFLDAKVKQSDYDRSTSNIDPLKTADLAEKLFKL
SRGRYGLPLSSRPVVKSMMSNKNLRGKSCNSIVDCISWLEVFCAELTSRIQDLEQEYNKIVIPRTVSISLKTKSYEVYRK
SGPVAYKGINFQSHELLKVGIKFVTDLDIKGKNKSYYPLTKLSMTITNFDIIDLQKTVVDMFGNQVHTFKSSAG
;
A,B
#
loop_
_chem_comp.id
_chem_comp.type
_chem_comp.name
_chem_comp.formula
CA non-polymer 'CALCIUM ION' 'Ca 2'
CPT non-polymer Cisplatin 'Cl2 H6 N2 Pt'
DA DNA linking 2'-DEOXYADENOSINE-5'-MONOPHOSPHATE 'C10 H14 N5 O6 P'
DC DNA linking 2'-DEOXYCYTIDINE-5'-MONOPHOSPHATE 'C9 H14 N3 O7 P'
DCP non-polymer 2'-DEOXYCYTIDINE-5'-TRIPHOSPHATE 'C9 H16 N3 O13 P3'
DG DNA linking 2'-DEOXYGUANOSINE-5'-MONOPHOSPHATE 'C10 H14 N5 O7 P'
DT DNA linking THYMIDINE-5'-MONOPHOSPHATE 'C10 H15 N2 O8 P'
#
# COMPACT_ATOMS: atom_id res chain seq x y z
N GLY E 22 12.71 -20.92 25.53
CA GLY E 22 12.81 -22.01 24.49
C GLY E 22 11.48 -22.70 24.24
N ARG E 23 11.51 -23.79 23.48
CA ARG E 23 10.34 -24.58 23.15
C ARG E 23 9.23 -23.70 22.57
N MET E 24 9.58 -22.57 21.99
CA MET E 24 8.63 -21.63 21.40
C MET E 24 9.40 -20.43 20.84
N SER E 25 9.00 -19.95 19.67
CA SER E 25 9.69 -18.80 19.05
C SER E 25 9.44 -17.51 19.84
N LYS E 26 10.47 -16.67 19.92
CA LYS E 26 10.36 -15.41 20.65
C LYS E 26 9.28 -14.49 20.07
N PHE E 27 9.14 -14.49 18.75
CA PHE E 27 8.16 -13.64 18.09
C PHE E 27 6.75 -14.19 18.06
N THR E 28 5.80 -13.31 17.75
CA THR E 28 4.38 -13.66 17.67
C THR E 28 3.82 -13.49 16.27
N TRP E 29 2.61 -14.01 16.05
CA TRP E 29 1.96 -13.90 14.75
C TRP E 29 1.65 -12.44 14.42
N LYS E 30 1.20 -11.70 15.43
CA LYS E 30 0.88 -10.30 15.22
C LYS E 30 2.04 -9.60 14.54
N GLU E 31 3.25 -9.87 15.02
CA GLU E 31 4.46 -9.25 14.48
C GLU E 31 4.81 -9.71 13.07
N LEU E 32 4.57 -10.98 12.78
CA LEU E 32 4.85 -11.53 11.47
C LEU E 32 3.83 -11.04 10.44
N ILE E 33 2.56 -11.00 10.83
CA ILE E 33 1.50 -10.55 9.94
C ILE E 33 1.69 -9.08 9.56
N GLN E 34 2.19 -8.27 10.49
CA GLN E 34 2.40 -6.85 10.22
C GLN E 34 3.20 -6.57 8.95
N LEU E 35 4.03 -7.53 8.56
CA LEU E 35 4.85 -7.35 7.36
C LEU E 35 3.96 -7.15 6.14
N GLY E 36 2.70 -7.57 6.24
CA GLY E 36 1.77 -7.41 5.14
C GLY E 36 1.14 -6.03 5.08
N SER E 37 1.12 -5.33 6.21
CA SER E 37 0.55 -3.99 6.28
C SER E 37 1.61 -2.97 5.88
N PRO E 38 1.33 -2.17 4.85
CA PRO E 38 2.25 -1.14 4.36
C PRO E 38 2.50 0.02 5.32
N SER E 39 1.58 0.25 6.24
CA SER E 39 1.70 1.36 7.18
C SER E 39 2.17 1.00 8.59
N LYS E 40 2.25 -0.29 8.89
CA LYS E 40 2.67 -0.71 10.23
C LYS E 40 3.69 -1.85 10.17
N ALA E 41 4.44 -1.92 9.09
CA ALA E 41 5.44 -2.96 8.91
C ALA E 41 6.81 -2.60 9.45
N TYR E 42 7.08 -1.30 9.58
CA TYR E 42 8.38 -0.84 10.07
C TYR E 42 8.50 -0.96 11.59
N GLU E 43 7.38 -0.99 12.30
CA GLU E 43 7.40 -1.08 13.77
C GLU E 43 7.63 -2.52 14.20
N SER E 44 7.22 -3.46 13.35
CA SER E 44 7.38 -4.88 13.65
C SER E 44 8.83 -5.19 13.99
N SER E 45 9.04 -6.25 14.76
CA SER E 45 10.39 -6.65 15.13
C SER E 45 10.97 -7.44 13.95
N LEU E 46 10.09 -8.06 13.18
CA LEU E 46 10.47 -8.86 12.03
C LEU E 46 10.61 -8.02 10.77
N ALA E 47 10.63 -6.70 10.94
CA ALA E 47 10.75 -5.79 9.81
C ALA E 47 12.04 -6.01 9.02
N CYS E 48 11.94 -5.86 7.70
CA CYS E 48 13.09 -6.03 6.81
C CYS E 48 13.21 -4.82 5.88
N ILE E 49 14.01 -3.84 6.30
CA ILE E 49 14.22 -2.61 5.54
C ILE E 49 15.50 -2.75 4.70
N ALA E 50 15.68 -1.87 3.72
CA ALA E 50 16.86 -1.89 2.85
C ALA E 50 17.20 -0.50 2.31
N HIS E 51 18.49 -0.17 2.29
CA HIS E 51 18.96 1.12 1.79
C HIS E 51 19.92 0.83 0.65
N ILE E 52 19.71 1.50 -0.49
CA ILE E 52 20.56 1.27 -1.65
C ILE E 52 21.14 2.60 -2.16
N ASP E 53 22.47 2.68 -2.17
CA ASP E 53 23.18 3.88 -2.59
C ASP E 53 24.06 3.67 -3.82
N MET E 54 23.70 4.31 -4.94
CA MET E 54 24.49 4.20 -6.15
C MET E 54 25.94 4.61 -5.86
N ASN E 55 26.90 3.78 -6.26
CA ASN E 55 28.32 4.08 -6.05
C ASN E 55 28.80 5.16 -7.01
N ALA E 56 29.52 6.16 -6.50
CA ALA E 56 30.03 7.25 -7.31
C ALA E 56 29.06 7.54 -8.46
N PHE E 57 27.81 7.82 -8.11
CA PHE E 57 26.77 8.07 -9.08
C PHE E 57 27.20 8.88 -10.30
N PHE E 58 27.38 10.18 -10.12
CA PHE E 58 27.79 11.05 -11.24
C PHE E 58 28.93 10.45 -12.06
N ALA E 59 29.91 9.89 -11.37
CA ALA E 59 31.07 9.28 -12.02
C ALA E 59 30.63 8.10 -12.88
N GLN E 60 29.66 7.34 -12.36
CA GLN E 60 29.14 6.18 -13.06
C GLN E 60 28.34 6.56 -14.30
N VAL E 61 27.41 7.50 -14.14
CA VAL E 61 26.59 7.90 -15.27
C VAL E 61 27.43 8.41 -16.44
N GLU E 62 28.48 9.19 -16.13
CA GLU E 62 29.35 9.71 -17.19
C GLU E 62 30.12 8.56 -17.83
N GLN E 63 30.41 7.55 -17.03
CA GLN E 63 31.11 6.36 -17.52
C GLN E 63 30.24 5.63 -18.52
N MET E 64 28.98 5.42 -18.14
CA MET E 64 28.03 4.73 -18.99
C MET E 64 27.72 5.51 -20.26
N ARG E 65 27.67 6.83 -20.14
CA ARG E 65 27.37 7.67 -21.29
C ARG E 65 28.44 7.59 -22.34
N CYS E 66 29.70 7.51 -21.90
CA CYS E 66 30.81 7.46 -22.84
C CYS E 66 31.24 6.02 -23.17
N GLY E 67 30.42 5.06 -22.79
CA GLY E 67 30.70 3.66 -23.05
C GLY E 67 32.01 3.15 -22.50
N LEU E 68 32.43 3.69 -21.37
CA LEU E 68 33.67 3.26 -20.74
C LEU E 68 33.36 2.06 -19.86
N SER E 69 34.41 1.36 -19.41
CA SER E 69 34.22 0.18 -18.57
C SER E 69 34.23 0.56 -17.10
N LYS E 70 33.65 -0.29 -16.27
CA LYS E 70 33.58 -0.03 -14.83
C LYS E 70 34.95 0.11 -14.16
N GLU E 71 35.99 -0.44 -14.78
CA GLU E 71 37.34 -0.38 -14.21
C GLU E 71 38.15 0.85 -14.62
N ASP E 72 37.58 1.70 -15.48
CA ASP E 72 38.29 2.90 -15.92
C ASP E 72 38.36 3.99 -14.88
N PRO E 73 39.52 4.67 -14.78
CA PRO E 73 39.73 5.75 -13.82
C PRO E 73 39.04 7.04 -14.25
N VAL E 74 37.71 6.98 -14.36
CA VAL E 74 36.92 8.13 -14.76
C VAL E 74 36.59 9.00 -13.54
N VAL E 75 36.39 10.29 -13.77
CA VAL E 75 36.09 11.21 -12.70
C VAL E 75 35.20 12.37 -13.17
N CYS E 76 34.15 12.67 -12.42
CA CYS E 76 33.24 13.75 -12.80
C CYS E 76 33.78 15.10 -12.38
N VAL E 77 33.98 15.99 -13.35
CA VAL E 77 34.51 17.30 -13.07
C VAL E 77 33.55 18.46 -13.29
N GLN E 78 33.63 19.43 -12.38
CA GLN E 78 32.83 20.64 -12.42
C GLN E 78 33.81 21.79 -12.24
N TRP E 79 34.08 22.51 -13.33
CA TRP E 79 35.02 23.62 -13.30
C TRP E 79 36.42 23.06 -13.05
N ASN E 80 36.90 23.18 -11.81
CA ASN E 80 38.23 22.67 -11.47
C ASN E 80 38.19 21.59 -10.40
N SER E 81 37.03 21.45 -9.76
CA SER E 81 36.89 20.46 -8.70
C SER E 81 36.31 19.14 -9.18
N ILE E 82 36.55 18.10 -8.41
CA ILE E 82 36.04 16.77 -8.72
C ILE E 82 34.87 16.54 -7.78
N ILE E 83 33.69 16.30 -8.33
CA ILE E 83 32.51 16.08 -7.49
C ILE E 83 32.11 14.62 -7.38
N ALA E 84 32.71 13.77 -8.20
CA ALA E 84 32.42 12.33 -8.16
C ALA E 84 33.68 11.55 -8.53
N VAL E 85 34.04 10.58 -7.69
CA VAL E 85 35.24 9.78 -7.91
C VAL E 85 34.97 8.29 -8.05
N SER E 86 35.17 7.78 -9.25
CA SER E 86 34.97 6.36 -9.52
C SER E 86 35.94 5.55 -8.67
N TYR E 87 35.49 4.41 -8.17
CA TYR E 87 36.35 3.57 -7.34
C TYR E 87 37.59 3.08 -8.06
N ALA E 88 37.57 3.13 -9.38
CA ALA E 88 38.73 2.72 -10.15
C ALA E 88 39.84 3.74 -9.91
N ALA E 89 39.48 5.01 -9.92
CA ALA E 89 40.42 6.11 -9.72
C ALA E 89 40.81 6.31 -8.26
N ARG E 90 40.06 5.71 -7.36
CA ARG E 90 40.34 5.85 -5.93
C ARG E 90 41.60 5.09 -5.52
N LYS E 91 42.00 4.12 -6.35
CA LYS E 91 43.19 3.34 -6.06
C LYS E 91 44.42 4.23 -6.14
N TYR E 92 44.29 5.34 -6.85
CA TYR E 92 45.39 6.27 -7.03
C TYR E 92 45.39 7.32 -5.93
N GLY E 93 44.56 7.11 -4.91
CA GLY E 93 44.51 8.04 -3.81
C GLY E 93 43.71 9.30 -4.09
N ILE E 94 43.06 9.35 -5.25
CA ILE E 94 42.24 10.51 -5.61
C ILE E 94 40.99 10.53 -4.75
N SER E 95 40.62 11.72 -4.27
CA SER E 95 39.44 11.86 -3.42
C SER E 95 38.58 13.02 -3.90
N ARG E 96 37.33 13.06 -3.43
CA ARG E 96 36.42 14.12 -3.85
C ARG E 96 36.92 15.52 -3.54
N MET E 97 36.64 16.44 -4.46
CA MET E 97 37.02 17.83 -4.35
C MET E 97 38.51 18.14 -4.57
N ASP E 98 39.28 17.13 -4.92
CA ASP E 98 40.70 17.36 -5.21
C ASP E 98 40.63 18.10 -6.53
N THR E 99 41.53 19.04 -6.77
CA THR E 99 41.51 19.76 -8.05
C THR E 99 41.96 18.78 -9.13
N ILE E 100 41.45 18.96 -10.35
CA ILE E 100 41.82 18.08 -11.44
C ILE E 100 43.35 18.05 -11.56
N GLN E 101 43.97 19.20 -11.32
CA GLN E 101 45.42 19.34 -11.41
C GLN E 101 46.11 18.38 -10.46
N GLU E 102 45.62 18.31 -9.22
CA GLU E 102 46.20 17.42 -8.23
C GLU E 102 46.00 15.98 -8.61
N ALA E 103 44.78 15.62 -8.97
CA ALA E 103 44.46 14.26 -9.36
C ALA E 103 45.39 13.76 -10.46
N LEU E 104 45.51 14.53 -11.54
CA LEU E 104 46.36 14.15 -12.66
C LEU E 104 47.80 13.87 -12.25
N LYS E 105 48.21 14.41 -11.11
CA LYS E 105 49.57 14.18 -10.63
C LYS E 105 49.60 12.85 -9.89
N LYS E 106 48.43 12.28 -9.66
CA LYS E 106 48.32 11.01 -8.98
C LYS E 106 48.09 9.89 -9.99
N CYS E 107 47.33 10.19 -11.03
CA CYS E 107 47.03 9.23 -12.08
C CYS E 107 46.99 9.97 -13.42
N SER E 108 48.14 10.10 -14.05
CA SER E 108 48.23 10.79 -15.32
C SER E 108 47.24 10.27 -16.36
N ASN E 109 46.76 9.03 -16.18
CA ASN E 109 45.80 8.43 -17.11
C ASN E 109 44.36 8.58 -16.66
N LEU E 110 44.11 9.52 -15.76
CA LEU E 110 42.78 9.78 -15.26
C LEU E 110 41.88 10.16 -16.43
N ILE E 111 40.60 9.83 -16.33
CA ILE E 111 39.67 10.17 -17.40
C ILE E 111 38.66 11.18 -16.89
N PRO E 112 39.01 12.47 -16.91
CA PRO E 112 38.11 13.50 -16.45
C PRO E 112 37.04 13.84 -17.48
N ILE E 113 35.80 13.95 -17.00
CA ILE E 113 34.66 14.28 -17.84
C ILE E 113 33.91 15.40 -17.12
N HIS E 114 33.71 16.51 -17.81
CA HIS E 114 33.02 17.66 -17.23
C HIS E 114 31.52 17.50 -17.43
N THR E 115 30.74 17.95 -16.45
CA THR E 115 29.29 17.85 -16.54
C THR E 115 28.80 18.62 -17.75
N ALA E 116 27.54 18.39 -18.11
CA ALA E 116 26.93 19.09 -19.22
C ALA E 116 26.77 20.52 -18.71
N VAL E 117 26.58 21.47 -19.62
CA VAL E 117 26.43 22.86 -19.19
C VAL E 117 25.51 23.71 -20.06
N PHE E 118 25.06 24.82 -19.49
CA PHE E 118 24.19 25.78 -20.19
C PHE E 118 25.04 26.97 -20.56
N LYS E 119 24.89 27.49 -21.78
CA LYS E 119 25.65 28.68 -22.17
C LYS E 119 24.74 29.88 -22.04
N LYS E 120 25.26 30.95 -21.45
CA LYS E 120 24.49 32.17 -21.27
C LYS E 120 23.76 32.53 -22.56
N GLY E 121 22.45 32.66 -22.48
CA GLY E 121 21.67 33.00 -23.66
C GLY E 121 20.91 31.86 -24.31
N GLU E 122 21.48 30.66 -24.30
CA GLU E 122 20.83 29.50 -24.91
C GLU E 122 19.89 28.79 -23.93
N ASP E 123 18.81 28.20 -24.45
CA ASP E 123 17.83 27.52 -23.62
C ASP E 123 17.95 25.99 -23.62
N PHE E 124 19.18 25.50 -23.66
CA PHE E 124 19.42 24.06 -23.68
C PHE E 124 20.83 23.75 -23.18
N TRP E 125 20.97 22.68 -22.41
CA TRP E 125 22.28 22.30 -21.91
C TRP E 125 22.96 21.37 -22.90
N GLN E 126 24.27 21.21 -22.78
CA GLN E 126 25.01 20.40 -23.72
C GLN E 126 26.29 19.80 -23.12
N TYR E 127 26.82 18.74 -23.75
CA TYR E 127 28.04 18.11 -23.28
C TYR E 127 29.20 18.53 -24.18
N HIS E 128 30.27 19.04 -23.58
CA HIS E 128 31.42 19.47 -24.35
C HIS E 128 32.58 18.53 -24.10
N ASP E 129 32.38 17.27 -24.44
CA ASP E 129 33.40 16.25 -24.27
C ASP E 129 34.70 16.61 -24.98
N GLY E 130 35.81 16.45 -24.27
CA GLY E 130 37.10 16.78 -24.83
C GLY E 130 37.51 18.18 -24.46
N CYS E 131 36.69 18.83 -23.62
CA CYS E 131 36.97 20.19 -23.18
C CYS E 131 37.08 20.22 -21.67
N GLY E 132 37.90 21.14 -21.16
CA GLY E 132 38.07 21.27 -19.73
C GLY E 132 39.34 22.04 -19.39
N SER E 133 39.38 22.61 -18.19
CA SER E 133 40.54 23.38 -17.75
C SER E 133 41.84 22.58 -17.85
N TRP E 134 41.71 21.26 -17.72
CA TRP E 134 42.88 20.39 -17.78
C TRP E 134 43.42 20.25 -19.21
N VAL E 135 42.62 20.68 -20.19
CA VAL E 135 43.01 20.59 -21.59
C VAL E 135 43.91 21.75 -22.01
N GLN E 136 45.04 21.42 -22.63
CA GLN E 136 46.02 22.40 -23.09
C GLN E 136 45.41 23.39 -24.08
N ASP E 137 44.83 22.87 -25.16
CA ASP E 137 44.22 23.70 -26.19
C ASP E 137 43.33 24.79 -25.58
N PRO E 138 43.68 26.07 -25.80
CA PRO E 138 42.92 27.20 -25.27
C PRO E 138 41.50 27.33 -25.86
N ALA E 139 41.30 26.75 -27.03
CA ALA E 139 40.00 26.81 -27.67
C ALA E 139 39.01 25.94 -26.90
N LYS E 140 39.35 24.67 -26.75
CA LYS E 140 38.50 23.72 -26.04
C LYS E 140 38.48 24.04 -24.54
N GLN E 141 37.58 24.93 -24.14
CA GLN E 141 37.45 25.34 -22.74
C GLN E 141 36.00 25.59 -22.35
N ILE E 142 35.71 25.43 -21.05
CA ILE E 142 34.37 25.65 -20.52
C ILE E 142 34.47 26.77 -19.50
N SER E 143 34.49 28.01 -19.97
CA SER E 143 34.62 29.16 -19.08
C SER E 143 33.45 29.34 -18.12
N VAL E 144 33.73 29.13 -16.83
CA VAL E 144 32.74 29.28 -15.79
C VAL E 144 32.09 30.67 -15.84
N GLU E 145 32.80 31.62 -16.44
CA GLU E 145 32.28 32.99 -16.55
C GLU E 145 30.89 33.04 -17.17
N ASP E 146 30.70 32.35 -18.29
CA ASP E 146 29.41 32.34 -18.96
C ASP E 146 28.88 30.94 -19.25
N HIS E 147 28.82 30.12 -18.20
CA HIS E 147 28.32 28.75 -18.28
C HIS E 147 27.67 28.37 -16.95
N LYS E 148 26.62 27.56 -17.01
CA LYS E 148 25.94 27.08 -15.81
C LYS E 148 25.89 25.56 -15.82
N VAL E 149 26.26 24.96 -14.70
CA VAL E 149 26.25 23.50 -14.60
C VAL E 149 24.85 22.96 -14.70
N SER E 150 24.70 21.86 -15.41
CA SER E 150 23.40 21.21 -15.57
C SER E 150 23.48 19.85 -14.89
N LEU E 151 22.56 19.60 -13.97
CA LEU E 151 22.53 18.33 -13.27
C LEU E 151 21.41 17.45 -13.80
N GLU E 152 20.80 17.88 -14.89
CA GLU E 152 19.70 17.14 -15.48
C GLU E 152 20.05 15.69 -15.82
N PRO E 153 21.24 15.45 -16.39
CA PRO E 153 21.62 14.07 -16.73
C PRO E 153 21.50 13.11 -15.54
N TYR E 154 21.97 13.54 -14.37
CA TYR E 154 21.91 12.69 -13.19
C TYR E 154 20.47 12.55 -12.72
N ARG E 155 19.66 13.56 -13.01
CA ARG E 155 18.25 13.55 -12.64
C ARG E 155 17.58 12.39 -13.35
N ARG E 156 17.66 12.41 -14.67
CA ARG E 156 17.05 11.38 -15.51
C ARG E 156 17.40 9.98 -15.04
N GLU E 157 18.69 9.64 -15.06
CA GLU E 157 19.13 8.32 -14.63
C GLU E 157 18.51 7.97 -13.29
N SER E 158 18.59 8.91 -12.36
CA SER E 158 18.01 8.72 -11.04
C SER E 158 16.55 8.31 -11.19
N ARG E 159 15.81 9.08 -11.97
CA ARG E 159 14.39 8.83 -12.21
C ARG E 159 14.15 7.44 -12.79
N LYS E 160 15.07 6.96 -13.61
CA LYS E 160 14.93 5.64 -14.20
C LYS E 160 15.03 4.58 -13.12
N ALA E 161 16.15 4.58 -12.40
CA ALA E 161 16.37 3.62 -11.33
C ALA E 161 15.16 3.61 -10.39
N LEU E 162 14.55 4.77 -10.19
CA LEU E 162 13.39 4.87 -9.31
C LEU E 162 12.19 4.07 -9.82
N LYS E 163 11.95 4.11 -11.13
CA LYS E 163 10.82 3.38 -11.73
C LYS E 163 11.02 1.87 -11.62
N ILE E 164 12.28 1.43 -11.67
CA ILE E 164 12.57 0.02 -11.55
C ILE E 164 12.36 -0.40 -10.09
N PHE E 165 12.73 0.49 -9.17
CA PHE E 165 12.57 0.20 -7.76
C PHE E 165 11.11 0.06 -7.36
N LYS E 166 10.27 0.94 -7.90
CA LYS E 166 8.84 0.90 -7.58
C LYS E 166 8.14 -0.30 -8.20
N SER E 167 8.70 -0.83 -9.27
CA SER E 167 8.11 -1.99 -9.95
C SER E 167 8.41 -3.26 -9.19
N ALA E 168 9.41 -3.22 -8.31
CA ALA E 168 9.79 -4.40 -7.55
C ALA E 168 9.35 -4.34 -6.07
N CYS E 169 9.11 -3.13 -5.58
CA CYS E 169 8.70 -2.96 -4.19
C CYS E 169 7.53 -2.00 -4.11
N ASP E 170 6.56 -2.32 -3.25
CA ASP E 170 5.37 -1.50 -3.08
C ASP E 170 5.55 -0.46 -2.00
N LEU E 171 6.76 0.08 -1.89
CA LEU E 171 7.04 1.10 -0.88
C LEU E 171 8.51 1.49 -0.99
N VAL E 172 8.76 2.62 -1.64
CA VAL E 172 10.11 3.12 -1.85
C VAL E 172 10.26 4.57 -1.42
N GLU E 173 11.22 4.84 -0.54
CA GLU E 173 11.45 6.20 -0.09
C GLU E 173 12.73 6.73 -0.74
N ARG E 174 12.61 7.81 -1.50
CA ARG E 174 13.77 8.38 -2.15
C ARG E 174 14.44 9.35 -1.19
N ALA E 175 15.48 8.89 -0.51
CA ALA E 175 16.20 9.71 0.46
C ALA E 175 17.01 10.83 -0.18
N SER E 176 17.52 10.57 -1.39
CA SER E 176 18.31 11.56 -2.10
C SER E 176 18.32 11.22 -3.59
N ILE E 177 19.17 11.91 -4.35
CA ILE E 177 19.23 11.66 -5.78
C ILE E 177 19.71 10.26 -6.13
N ASP E 178 20.48 9.62 -5.26
CA ASP E 178 20.97 8.29 -5.54
C ASP E 178 20.83 7.33 -4.37
N GLU E 179 19.80 7.55 -3.55
CA GLU E 179 19.56 6.69 -2.40
C GLU E 179 18.08 6.39 -2.25
N VAL E 180 17.76 5.18 -1.82
CA VAL E 180 16.36 4.80 -1.61
C VAL E 180 16.25 3.74 -0.51
N PHE E 181 15.11 3.74 0.16
CA PHE E 181 14.82 2.77 1.20
C PHE E 181 13.70 1.87 0.68
N LEU E 182 13.79 0.58 0.98
CA LEU E 182 12.78 -0.36 0.55
C LEU E 182 12.23 -1.10 1.74
N ASP E 183 10.93 -1.36 1.73
CA ASP E 183 10.28 -2.10 2.80
C ASP E 183 9.90 -3.43 2.17
N LEU E 184 10.76 -4.43 2.37
CA LEU E 184 10.53 -5.75 1.81
C LEU E 184 9.47 -6.56 2.58
N GLY E 185 8.67 -5.86 3.38
CA GLY E 185 7.65 -6.53 4.16
C GLY E 185 6.77 -7.51 3.39
N ARG E 186 5.91 -6.98 2.53
CA ARG E 186 5.01 -7.80 1.75
C ARG E 186 5.71 -8.91 0.97
N ILE E 187 6.85 -8.61 0.35
CA ILE E 187 7.57 -9.61 -0.42
C ILE E 187 8.01 -10.79 0.43
N CYS E 188 8.78 -10.50 1.46
CA CYS E 188 9.28 -11.53 2.36
C CYS E 188 8.15 -12.38 2.95
N PHE E 189 7.08 -11.73 3.38
CA PHE E 189 5.96 -12.46 3.96
C PHE E 189 5.38 -13.45 2.96
N ASN E 190 4.89 -12.93 1.84
CA ASN E 190 4.30 -13.79 0.82
C ASN E 190 5.28 -14.86 0.37
N MET E 191 6.52 -14.48 0.12
CA MET E 191 7.51 -15.46 -0.30
C MET E 191 7.60 -16.54 0.76
N LEU E 192 7.53 -16.14 2.02
CA LEU E 192 7.61 -17.05 3.15
C LEU E 192 6.43 -18.00 3.26
N MET E 193 5.24 -17.51 2.97
CA MET E 193 4.03 -18.32 3.08
C MET E 193 3.51 -18.96 1.80
N PHE E 194 3.73 -18.32 0.66
CA PHE E 194 3.19 -18.87 -0.59
C PHE E 194 4.13 -19.25 -1.72
N ASP E 195 5.36 -18.76 -1.70
CA ASP E 195 6.28 -19.10 -2.79
C ASP E 195 6.50 -20.61 -2.84
N ASN E 196 6.22 -21.22 -3.97
CA ASN E 196 6.38 -22.66 -4.12
C ASN E 196 7.39 -23.03 -5.20
N GLU E 197 8.05 -22.03 -5.76
CA GLU E 197 9.04 -22.25 -6.81
C GLU E 197 10.44 -22.31 -6.23
N TYR E 198 10.73 -21.38 -5.32
CA TYR E 198 12.04 -21.27 -4.69
C TYR E 198 12.66 -22.58 -4.21
N GLU E 199 13.96 -22.70 -4.42
CA GLU E 199 14.73 -23.87 -4.01
C GLU E 199 15.80 -23.46 -3.00
N LEU E 200 16.01 -24.29 -1.98
CA LEU E 200 17.03 -24.01 -0.96
C LEU E 200 18.31 -24.75 -1.31
N THR E 201 18.15 -25.98 -1.78
CA THR E 201 19.25 -26.84 -2.19
C THR E 201 18.66 -27.77 -3.25
N GLY E 202 18.97 -29.06 -3.15
CA GLY E 202 18.44 -30.01 -4.10
C GLY E 202 17.35 -30.80 -3.38
N ASP E 203 16.39 -31.31 -4.14
CA ASP E 203 15.29 -32.09 -3.55
C ASP E 203 14.80 -31.46 -2.23
N LEU E 204 14.60 -30.15 -2.26
CA LEU E 204 14.11 -29.42 -1.08
C LEU E 204 13.61 -28.03 -1.45
N LYS E 205 12.31 -27.79 -1.24
CA LYS E 205 11.71 -26.51 -1.54
C LYS E 205 11.18 -25.84 -0.28
N LEU E 206 11.09 -24.51 -0.31
CA LEU E 206 10.58 -23.76 0.83
C LEU E 206 9.26 -24.34 1.31
N LYS E 207 8.39 -24.68 0.36
CA LYS E 207 7.08 -25.22 0.71
C LYS E 207 7.15 -26.46 1.58
N ASP E 208 8.10 -27.36 1.30
CA ASP E 208 8.22 -28.59 2.08
C ASP E 208 9.05 -28.37 3.35
N ALA E 209 9.97 -27.42 3.30
CA ALA E 209 10.81 -27.11 4.45
C ALA E 209 10.03 -26.28 5.47
N LEU E 210 9.11 -25.45 4.97
CA LEU E 210 8.29 -24.60 5.81
C LEU E 210 6.84 -25.06 5.80
N SER E 211 6.60 -26.29 6.22
CA SER E 211 5.26 -26.86 6.23
C SER E 211 4.44 -26.46 7.46
N ASN E 212 4.98 -26.72 8.65
CA ASN E 212 4.27 -26.40 9.88
C ASN E 212 3.73 -24.96 9.89
N ILE E 213 4.64 -24.00 9.76
CA ILE E 213 4.25 -22.60 9.79
C ILE E 213 3.21 -22.25 8.73
N ARG E 214 3.40 -22.74 7.50
CA ARG E 214 2.44 -22.44 6.43
C ARG E 214 1.08 -23.11 6.66
N GLU E 215 1.10 -24.34 7.17
CA GLU E 215 -0.14 -25.07 7.42
C GLU E 215 -0.85 -24.56 8.68
N ALA E 216 -0.13 -23.82 9.51
CA ALA E 216 -0.72 -23.29 10.74
C ALA E 216 -1.29 -21.92 10.44
N PHE E 217 -0.75 -21.28 9.40
CA PHE E 217 -1.19 -19.96 8.99
C PHE E 217 -2.58 -19.98 8.35
N ILE E 218 -2.76 -20.84 7.35
CA ILE E 218 -4.06 -20.94 6.69
C ILE E 218 -5.08 -21.45 7.70
N GLY E 219 -4.67 -22.41 8.52
CA GLY E 219 -5.57 -22.95 9.52
C GLY E 219 -6.17 -21.81 10.31
N GLY E 220 -5.33 -20.84 10.67
CA GLY E 220 -5.78 -19.68 11.41
C GLY E 220 -6.37 -19.94 12.78
N ASN E 221 -5.98 -21.05 13.40
CA ASN E 221 -6.50 -21.40 14.71
C ASN E 221 -5.62 -20.79 15.80
N TYR E 222 -4.93 -19.72 15.46
CA TYR E 222 -4.04 -19.06 16.41
C TYR E 222 -4.58 -17.70 16.83
N ASP E 223 -4.07 -17.19 17.95
CA ASP E 223 -4.47 -15.87 18.44
C ASP E 223 -3.31 -14.96 18.07
N ILE E 224 -3.62 -13.79 17.49
CA ILE E 224 -2.58 -12.85 17.07
C ILE E 224 -1.45 -12.66 18.10
N ASN E 225 -1.79 -12.78 19.39
CA ASN E 225 -0.78 -12.61 20.42
C ASN E 225 -0.09 -13.90 20.86
N SER E 226 -0.36 -15.00 20.16
CA SER E 226 0.29 -16.27 20.46
C SER E 226 1.68 -16.23 19.88
N HIS E 227 2.54 -17.14 20.32
CA HIS E 227 3.91 -17.19 19.82
C HIS E 227 4.07 -18.16 18.66
N LEU E 228 4.91 -17.77 17.71
CA LEU E 228 5.17 -18.59 16.54
C LEU E 228 5.90 -19.86 16.94
N PRO E 229 5.75 -20.92 16.13
CA PRO E 229 6.42 -22.19 16.45
C PRO E 229 7.91 -22.04 16.16
N LEU E 230 8.74 -22.80 16.85
CA LEU E 230 10.18 -22.71 16.64
C LEU E 230 10.48 -23.01 15.17
N ILE E 231 11.37 -22.23 14.58
CA ILE E 231 11.72 -22.45 13.18
C ILE E 231 12.08 -23.92 12.99
N PRO E 232 11.80 -24.47 11.80
CA PRO E 232 12.10 -25.86 11.47
C PRO E 232 13.59 -26.07 11.20
N GLU E 233 14.18 -27.07 11.84
CA GLU E 233 15.59 -27.37 11.68
C GLU E 233 15.99 -27.32 10.20
N LYS E 234 15.03 -27.58 9.32
CA LYS E 234 15.29 -27.58 7.88
C LYS E 234 15.48 -26.20 7.26
N ILE E 235 14.77 -25.20 7.78
CA ILE E 235 14.88 -23.85 7.22
C ILE E 235 16.30 -23.29 7.38
N LYS E 236 17.08 -23.88 8.28
CA LYS E 236 18.45 -23.43 8.53
C LYS E 236 19.36 -23.59 7.32
N SER E 237 18.86 -24.21 6.25
CA SER E 237 19.66 -24.40 5.04
C SER E 237 19.43 -23.26 4.06
N LEU E 238 18.73 -22.23 4.53
CA LEU E 238 18.43 -21.05 3.73
C LEU E 238 19.68 -20.18 3.79
N LYS E 239 20.14 -19.72 2.63
CA LYS E 239 21.36 -18.91 2.59
C LYS E 239 21.16 -17.42 2.36
N PHE E 240 22.01 -16.62 2.99
CA PHE E 240 21.96 -15.17 2.84
C PHE E 240 22.72 -14.73 1.60
N GLU E 241 22.19 -13.76 0.88
CA GLU E 241 22.86 -13.26 -0.31
C GLU E 241 23.59 -12.00 0.09
N GLY E 242 24.92 -12.05 0.06
CA GLY E 242 25.72 -10.90 0.43
C GLY E 242 26.57 -11.20 1.65
N ASP E 243 27.20 -10.17 2.20
CA ASP E 243 28.07 -10.33 3.38
C ASP E 243 27.28 -10.19 4.67
N VAL E 244 27.25 -11.26 5.46
CA VAL E 244 26.55 -11.26 6.74
C VAL E 244 27.53 -10.88 7.85
N PHE E 245 27.44 -9.64 8.32
CA PHE E 245 28.32 -9.17 9.38
C PHE E 245 28.24 -10.05 10.62
N ASN E 246 29.12 -11.05 10.69
CA ASN E 246 29.12 -11.95 11.84
C ASN E 246 30.53 -12.15 12.41
N PRO E 247 31.06 -11.13 13.10
CA PRO E 247 32.39 -11.22 13.69
C PRO E 247 32.48 -12.30 14.78
N GLU E 248 31.55 -12.25 15.74
CA GLU E 248 31.55 -13.22 16.82
C GLU E 248 31.12 -14.62 16.36
N GLY E 249 31.09 -14.82 15.05
CA GLY E 249 30.70 -16.11 14.50
C GLY E 249 29.47 -16.73 15.15
N ARG E 250 28.32 -16.11 14.95
CA ARG E 250 27.06 -16.58 15.49
C ARG E 250 26.32 -17.45 14.47
N ASP E 251 25.24 -18.10 14.91
CA ASP E 251 24.45 -18.93 14.00
C ASP E 251 23.62 -18.02 13.10
N LEU E 252 23.76 -18.21 11.80
CA LEU E 252 23.07 -17.39 10.82
C LEU E 252 21.54 -17.46 10.90
N ILE E 253 21.01 -18.63 11.23
CA ILE E 253 19.55 -18.79 11.32
C ILE E 253 19.12 -19.39 12.67
N THR E 254 18.48 -18.59 13.51
CA THR E 254 18.02 -19.07 14.80
C THR E 254 16.53 -18.84 15.02
N ASP E 255 15.99 -17.81 14.36
CA ASP E 255 14.57 -17.50 14.47
C ASP E 255 14.05 -16.90 13.16
N TRP E 256 12.76 -16.58 13.14
CA TRP E 256 12.12 -16.03 11.96
C TRP E 256 12.69 -14.75 11.39
N ASP E 257 13.15 -13.84 12.24
CA ASP E 257 13.72 -12.59 11.72
C ASP E 257 14.91 -12.90 10.82
N ASP E 258 15.59 -14.01 11.10
CA ASP E 258 16.73 -14.41 10.29
C ASP E 258 16.23 -15.00 8.97
N VAL E 259 15.09 -15.68 9.03
CA VAL E 259 14.51 -16.26 7.82
C VAL E 259 14.02 -15.11 6.96
N ILE E 260 13.25 -14.21 7.55
CA ILE E 260 12.73 -13.06 6.82
C ILE E 260 13.89 -12.28 6.22
N LEU E 261 14.93 -12.08 7.02
CA LEU E 261 16.10 -11.34 6.56
C LEU E 261 16.80 -12.07 5.42
N ALA E 262 16.90 -13.39 5.54
CA ALA E 262 17.54 -14.21 4.52
C ALA E 262 16.84 -14.06 3.18
N LEU E 263 15.52 -14.24 3.19
CA LEU E 263 14.74 -14.10 1.97
C LEU E 263 14.89 -12.66 1.45
N GLY E 264 14.83 -11.71 2.38
CA GLY E 264 14.97 -10.31 2.02
C GLY E 264 16.25 -10.08 1.23
N SER E 265 17.36 -10.56 1.76
CA SER E 265 18.66 -10.41 1.08
C SER E 265 18.63 -11.03 -0.31
N GLN E 266 17.90 -12.13 -0.46
CA GLN E 266 17.79 -12.81 -1.74
C GLN E 266 17.04 -11.90 -2.71
N VAL E 267 15.83 -11.53 -2.32
CA VAL E 267 14.99 -10.66 -3.12
C VAL E 267 15.74 -9.39 -3.49
N CYS E 268 16.41 -8.83 -2.49
CA CYS E 268 17.16 -7.61 -2.66
C CYS E 268 18.22 -7.72 -3.76
N LYS E 269 18.93 -8.84 -3.77
CA LYS E 269 19.96 -9.08 -4.78
C LYS E 269 19.38 -8.98 -6.18
N GLY E 270 18.21 -9.58 -6.38
CA GLY E 270 17.56 -9.54 -7.67
C GLY E 270 17.39 -8.12 -8.16
N ILE E 271 16.67 -7.32 -7.38
CA ILE E 271 16.42 -5.92 -7.71
C ILE E 271 17.68 -5.17 -8.12
N ARG E 272 18.71 -5.26 -7.29
CA ARG E 272 19.97 -4.59 -7.56
C ARG E 272 20.54 -5.04 -8.91
N ASP E 273 20.44 -6.34 -9.19
CA ASP E 273 20.94 -6.88 -10.45
C ASP E 273 20.11 -6.31 -11.60
N SER E 274 18.81 -6.11 -11.35
CA SER E 274 17.91 -5.56 -12.36
C SER E 274 18.46 -4.22 -12.82
N ILE E 275 19.06 -3.50 -11.88
CA ILE E 275 19.63 -2.21 -12.16
C ILE E 275 20.94 -2.33 -12.95
N LYS E 276 21.83 -3.21 -12.49
CA LYS E 276 23.09 -3.41 -13.18
C LYS E 276 22.84 -3.88 -14.61
N ASP E 277 21.73 -4.58 -14.82
CA ASP E 277 21.40 -5.09 -16.13
C ASP E 277 20.70 -4.08 -17.04
N ILE E 278 19.77 -3.32 -16.48
CA ILE E 278 19.04 -2.32 -17.28
C ILE E 278 19.84 -1.02 -17.48
N LEU E 279 20.36 -0.48 -16.40
CA LEU E 279 21.11 0.78 -16.46
C LEU E 279 22.62 0.61 -16.36
N GLY E 280 23.05 -0.48 -15.73
CA GLY E 280 24.48 -0.73 -15.58
C GLY E 280 25.15 0.10 -14.50
N TYR E 281 24.45 0.34 -13.39
CA TYR E 281 24.99 1.10 -12.28
C TYR E 281 25.25 0.16 -11.10
N THR E 282 26.43 0.23 -10.50
CA THR E 282 26.74 -0.63 -9.36
C THR E 282 26.19 0.05 -8.13
N THR E 283 25.94 -0.71 -7.08
CA THR E 283 25.40 -0.14 -5.86
C THR E 283 25.78 -0.91 -4.62
N SER E 284 25.59 -0.26 -3.48
CA SER E 284 25.85 -0.88 -2.20
C SER E 284 24.51 -0.89 -1.48
N CYS E 285 24.25 -1.97 -0.77
CA CYS E 285 22.99 -2.12 -0.08
C CYS E 285 23.19 -2.60 1.35
N GLY E 286 22.23 -2.28 2.21
CA GLY E 286 22.33 -2.69 3.60
C GLY E 286 20.98 -3.14 4.13
N LEU E 287 20.91 -4.35 4.64
CA LEU E 287 19.66 -4.86 5.18
C LEU E 287 19.75 -4.98 6.69
N SER E 288 18.62 -4.79 7.34
CA SER E 288 18.51 -4.87 8.79
C SER E 288 17.06 -4.59 9.12
N SER E 289 16.74 -4.51 10.40
CA SER E 289 15.36 -4.25 10.80
C SER E 289 15.09 -2.76 11.04
N THR E 290 16.06 -1.92 10.69
CA THR E 290 15.89 -0.48 10.90
C THR E 290 16.51 0.37 9.78
N LYS E 291 15.91 1.51 9.52
CA LYS E 291 16.42 2.41 8.47
C LYS E 291 17.80 2.94 8.82
N ASN E 292 18.00 3.29 10.09
CA ASN E 292 19.27 3.83 10.54
C ASN E 292 20.42 2.84 10.43
N VAL E 293 20.16 1.58 10.78
CA VAL E 293 21.22 0.57 10.69
C VAL E 293 21.49 0.24 9.21
N CYS E 294 20.44 0.26 8.39
CA CYS E 294 20.60 0.00 6.96
C CYS E 294 21.54 1.06 6.40
N LYS E 295 21.25 2.31 6.73
CA LYS E 295 22.02 3.47 6.28
C LYS E 295 23.51 3.28 6.58
N LEU E 296 23.81 2.76 7.77
CA LEU E 296 25.20 2.52 8.16
C LEU E 296 25.76 1.32 7.42
N ALA E 297 24.95 0.27 7.31
CA ALA E 297 25.36 -0.97 6.65
C ALA E 297 25.67 -0.79 5.18
N SER E 298 24.86 -0.01 4.48
CA SER E 298 25.06 0.21 3.06
C SER E 298 26.38 0.92 2.82
N ASN E 299 26.83 1.66 3.83
CA ASN E 299 28.08 2.40 3.72
C ASN E 299 29.28 1.60 4.21
N TYR E 300 29.02 0.54 4.96
CA TYR E 300 30.07 -0.31 5.50
C TYR E 300 31.04 -0.83 4.43
N LYS E 301 30.51 -1.27 3.30
CA LYS E 301 31.37 -1.76 2.21
C LYS E 301 30.99 -1.23 0.84
N LYS E 302 31.99 -0.75 0.11
CA LYS E 302 31.78 -0.20 -1.22
C LYS E 302 33.02 -0.47 -2.06
N PRO E 303 32.84 -0.60 -3.39
CA PRO E 303 31.56 -0.52 -4.09
C PRO E 303 30.95 -1.89 -4.33
N ASP E 304 29.80 -1.89 -5.00
CA ASP E 304 29.05 -3.11 -5.35
C ASP E 304 29.04 -4.22 -4.31
N ALA E 305 28.54 -3.91 -3.11
CA ALA E 305 28.48 -4.89 -2.04
C ALA E 305 27.10 -4.89 -1.39
N GLN E 306 26.92 -5.72 -0.36
CA GLN E 306 25.65 -5.80 0.33
C GLN E 306 25.87 -6.32 1.75
N THR E 307 25.92 -5.40 2.72
CA THR E 307 26.13 -5.77 4.11
C THR E 307 24.80 -6.10 4.79
N ILE E 308 24.78 -7.24 5.49
CA ILE E 308 23.60 -7.74 6.19
C ILE E 308 23.81 -7.80 7.70
N VAL E 309 23.00 -7.04 8.44
CA VAL E 309 23.12 -7.01 9.89
C VAL E 309 21.94 -7.69 10.58
N LYS E 310 22.17 -8.87 11.14
CA LYS E 310 21.12 -9.60 11.85
C LYS E 310 20.85 -8.88 13.17
N ASN E 311 19.65 -9.07 13.72
CA ASN E 311 19.31 -8.43 14.98
C ASN E 311 20.23 -8.84 16.13
N ASP E 312 20.71 -10.08 16.08
CA ASP E 312 21.59 -10.59 17.12
C ASP E 312 23.04 -10.16 16.91
N CYS E 313 23.26 -9.29 15.92
CA CYS E 313 24.60 -8.78 15.63
C CYS E 313 24.61 -7.25 15.60
N LEU E 314 23.50 -6.66 15.99
CA LEU E 314 23.38 -5.21 16.02
C LEU E 314 24.48 -4.56 16.85
N LEU E 315 24.61 -4.99 18.10
CA LEU E 315 25.63 -4.42 18.98
C LEU E 315 27.04 -4.71 18.46
N ASP E 316 27.26 -5.92 17.98
CA ASP E 316 28.58 -6.26 17.45
C ASP E 316 28.91 -5.29 16.33
N PHE E 317 27.90 -4.95 15.53
CA PHE E 317 28.05 -4.03 14.41
C PHE E 317 28.25 -2.59 14.88
N LEU E 318 27.36 -2.13 15.75
CA LEU E 318 27.42 -0.78 16.29
C LEU E 318 28.69 -0.57 17.13
N ASP E 319 29.31 -1.66 17.55
CA ASP E 319 30.53 -1.56 18.36
C ASP E 319 31.78 -2.05 17.63
N CYS E 320 31.69 -2.21 16.31
CA CYS E 320 32.83 -2.67 15.54
C CYS E 320 34.03 -1.74 15.68
N GLY E 321 33.75 -0.45 15.82
CA GLY E 321 34.83 0.52 15.96
C GLY E 321 34.86 1.54 14.84
N LYS E 322 33.81 1.59 14.03
CA LYS E 322 33.77 2.54 12.92
C LYS E 322 32.69 3.59 13.10
N PHE E 323 31.84 3.41 14.12
CA PHE E 323 30.76 4.36 14.34
C PHE E 323 30.86 5.07 15.67
N GLU E 324 30.15 6.18 15.78
CA GLU E 324 30.11 6.99 16.98
C GLU E 324 28.73 7.65 17.03
N ILE E 325 28.40 8.27 18.16
CA ILE E 325 27.11 8.94 18.28
C ILE E 325 27.06 9.98 17.16
N THR E 326 28.22 10.52 16.83
CA THR E 326 28.35 11.52 15.78
C THR E 326 28.31 10.87 14.40
N SER E 327 28.25 9.55 14.38
CA SER E 327 28.22 8.80 13.13
C SER E 327 26.79 8.47 12.70
N PHE E 328 25.83 8.69 13.59
CA PHE E 328 24.43 8.42 13.29
C PHE E 328 23.84 9.50 12.40
N TRP E 329 22.52 9.46 12.23
CA TRP E 329 21.82 10.43 11.39
C TRP E 329 21.57 11.73 12.17
N THR E 330 21.65 12.86 11.49
CA THR E 330 21.41 14.18 12.09
C THR E 330 22.26 14.53 13.31
N LEU E 331 23.34 13.78 13.53
CA LEU E 331 24.20 14.05 14.67
C LEU E 331 25.67 14.23 14.27
N GLY E 332 25.91 14.37 12.97
CA GLY E 332 27.27 14.54 12.49
C GLY E 332 27.73 15.98 12.51
N GLY E 333 26.92 16.85 13.11
CA GLY E 333 27.27 18.26 13.17
C GLY E 333 27.50 18.78 14.57
N VAL E 334 27.15 20.05 14.80
CA VAL E 334 27.32 20.66 16.10
C VAL E 334 26.45 19.97 17.14
N LEU E 335 25.25 19.57 16.75
CA LEU E 335 24.35 18.89 17.67
C LEU E 335 25.04 17.65 18.20
N GLY E 336 25.92 17.08 17.38
CA GLY E 336 26.66 15.89 17.77
C GLY E 336 27.77 16.25 18.74
N LYS E 337 28.63 17.17 18.34
CA LYS E 337 29.74 17.59 19.18
C LYS E 337 29.26 18.14 20.52
N GLU E 338 27.97 18.48 20.60
CA GLU E 338 27.41 19.00 21.84
C GLU E 338 27.02 17.83 22.75
N LEU E 339 26.23 16.91 22.21
CA LEU E 339 25.78 15.75 22.96
C LEU E 339 26.95 15.03 23.62
N ILE E 340 28.14 15.20 23.04
CA ILE E 340 29.34 14.57 23.58
C ILE E 340 29.79 15.34 24.83
N ASP E 341 30.03 16.64 24.65
CA ASP E 341 30.46 17.51 25.75
C ASP E 341 29.39 17.65 26.82
N VAL E 342 28.16 17.24 26.48
CA VAL E 342 27.03 17.31 27.40
C VAL E 342 26.90 16.02 28.20
N LEU E 343 26.60 14.93 27.52
CA LEU E 343 26.45 13.64 28.17
C LEU E 343 27.78 13.12 28.69
N ASP E 344 28.82 13.93 28.56
CA ASP E 344 30.15 13.54 29.02
C ASP E 344 30.54 12.19 28.42
N LEU E 345 30.45 12.11 27.10
CA LEU E 345 30.76 10.88 26.38
C LEU E 345 32.24 10.91 25.99
N PRO E 346 32.86 9.74 25.87
CA PRO E 346 34.28 9.65 25.50
C PRO E 346 34.45 9.90 24.00
N HIS E 347 35.65 9.65 23.50
CA HIS E 347 35.92 9.85 22.08
C HIS E 347 36.25 8.53 21.40
N GLU E 348 35.75 7.45 21.98
CA GLU E 348 35.94 6.11 21.48
C GLU E 348 34.89 5.21 22.15
N ASN E 349 34.23 4.38 21.35
CA ASN E 349 33.20 3.48 21.87
C ASN E 349 32.16 4.27 22.64
N SER E 350 31.67 5.35 22.02
CA SER E 350 30.67 6.21 22.65
C SER E 350 29.27 5.62 22.57
N ILE E 351 29.00 4.86 21.51
CA ILE E 351 27.69 4.25 21.33
C ILE E 351 27.49 3.16 22.39
N LYS E 352 28.55 2.40 22.66
CA LYS E 352 28.49 1.34 23.67
C LYS E 352 28.35 1.97 25.05
N HIS E 353 28.84 3.20 25.15
CA HIS E 353 28.81 3.94 26.41
C HIS E 353 27.39 4.40 26.73
N ILE E 354 26.81 5.22 25.85
CA ILE E 354 25.46 5.72 26.04
C ILE E 354 24.51 4.59 26.38
N ARG E 355 24.85 3.39 25.93
CA ARG E 355 24.02 2.22 26.17
C ARG E 355 24.19 1.68 27.58
N GLU E 356 25.42 1.62 28.04
CA GLU E 356 25.71 1.09 29.37
C GLU E 356 25.50 2.04 30.54
N THR E 357 25.55 3.34 30.28
CA THR E 357 25.35 4.31 31.35
C THR E 357 23.88 4.43 31.70
N TRP E 358 23.02 3.87 30.85
CA TRP E 358 21.58 3.91 31.07
C TRP E 358 20.96 2.63 30.50
N PRO E 359 21.34 1.46 31.05
CA PRO E 359 20.82 0.16 30.62
C PRO E 359 19.47 -0.23 31.20
N ASP E 360 18.67 0.76 31.57
CA ASP E 360 17.35 0.49 32.14
C ASP E 360 16.24 0.93 31.21
N ASN E 361 16.20 2.23 30.92
CA ASN E 361 15.18 2.78 30.03
C ASN E 361 15.49 4.23 29.69
N ALA E 362 14.80 4.75 28.67
CA ALA E 362 14.98 6.12 28.24
C ALA E 362 14.89 7.08 29.42
N GLY E 363 14.04 6.74 30.39
CA GLY E 363 13.86 7.58 31.56
C GLY E 363 15.18 7.91 32.23
N GLN E 364 16.05 6.91 32.33
CA GLN E 364 17.36 7.08 32.96
C GLN E 364 18.05 8.30 32.35
N LEU E 365 18.31 8.23 31.04
CA LEU E 365 18.99 9.31 30.34
C LEU E 365 18.16 10.58 30.26
N LYS E 366 16.84 10.47 30.32
CA LYS E 366 15.97 11.64 30.25
C LYS E 366 16.24 12.60 31.41
N GLU E 367 16.05 12.10 32.63
CA GLU E 367 16.25 12.92 33.82
C GLU E 367 17.70 13.37 33.97
N PHE E 368 18.60 12.75 33.21
CA PHE E 368 20.01 13.13 33.25
C PHE E 368 20.19 14.40 32.45
N LEU E 369 19.43 14.52 31.36
CA LEU E 369 19.49 15.69 30.51
C LEU E 369 18.76 16.82 31.22
N ASP E 370 17.59 16.50 31.75
CA ASP E 370 16.77 17.48 32.47
C ASP E 370 17.56 18.09 33.62
N ALA E 371 18.48 17.33 34.18
CA ALA E 371 19.30 17.79 35.28
C ALA E 371 20.56 18.49 34.76
N LYS E 372 20.97 18.15 33.56
CA LYS E 372 22.16 18.74 32.95
C LYS E 372 21.83 20.06 32.25
N VAL E 373 20.53 20.34 32.11
CA VAL E 373 20.08 21.56 31.46
C VAL E 373 19.65 22.62 32.47
N LYS E 374 19.52 22.23 33.72
CA LYS E 374 19.11 23.15 34.77
C LYS E 374 20.28 23.57 35.65
N GLN E 375 21.32 24.13 35.03
CA GLN E 375 22.50 24.58 35.75
C GLN E 375 23.30 25.62 34.99
N SER E 376 24.51 25.90 35.46
CA SER E 376 25.38 26.90 34.83
C SER E 376 26.29 26.26 33.79
N ASP E 377 25.72 25.44 32.91
CA ASP E 377 26.50 24.78 31.87
C ASP E 377 26.33 25.44 30.50
N TYR E 378 25.19 26.10 30.29
CA TYR E 378 24.94 26.78 29.01
C TYR E 378 23.67 27.64 29.02
N ASP E 379 23.46 28.37 27.93
CA ASP E 379 22.29 29.24 27.76
C ASP E 379 21.38 28.68 26.67
N ARG E 380 20.08 28.97 26.78
CA ARG E 380 19.10 28.50 25.81
C ARG E 380 19.21 29.29 24.49
N SER E 381 20.42 29.70 24.14
CA SER E 381 20.65 30.45 22.91
C SER E 381 21.67 29.73 22.04
N THR E 382 22.88 29.57 22.55
CA THR E 382 23.94 28.90 21.80
C THR E 382 23.84 27.38 21.92
N SER E 383 22.65 26.89 22.26
CA SER E 383 22.42 25.45 22.38
C SER E 383 21.55 24.94 21.25
N ASN E 384 21.70 23.65 20.95
CA ASN E 384 20.94 23.03 19.88
C ASN E 384 19.84 22.10 20.40
N ILE E 385 19.74 22.02 21.73
CA ILE E 385 18.73 21.16 22.35
C ILE E 385 17.51 21.98 22.77
N ASP E 386 16.33 21.40 22.59
CA ASP E 386 15.08 22.06 22.96
C ASP E 386 14.52 21.38 24.20
N PRO E 387 14.89 21.86 25.40
CA PRO E 387 14.46 21.34 26.70
C PRO E 387 13.06 20.74 26.78
N LEU E 388 12.07 21.44 26.25
CA LEU E 388 10.70 20.96 26.28
C LEU E 388 10.50 19.70 25.43
N LYS E 389 11.59 19.20 24.87
CA LYS E 389 11.54 18.01 24.03
C LYS E 389 12.70 17.06 24.36
N THR E 390 13.29 17.26 25.54
CA THR E 390 14.41 16.42 25.98
C THR E 390 13.97 15.00 26.31
N ALA E 391 12.67 14.75 26.22
CA ALA E 391 12.12 13.43 26.50
C ALA E 391 12.35 12.54 25.27
N ASP E 392 12.19 13.12 24.09
CA ASP E 392 12.38 12.40 22.84
C ASP E 392 13.85 12.07 22.67
N LEU E 393 14.68 13.11 22.70
CA LEU E 393 16.12 12.97 22.56
C LEU E 393 16.64 11.76 23.33
N ALA E 394 16.06 11.52 24.50
CA ALA E 394 16.48 10.40 25.34
C ALA E 394 16.07 9.08 24.68
N GLU E 395 14.77 8.94 24.42
CA GLU E 395 14.25 7.73 23.80
C GLU E 395 15.01 7.42 22.50
N LYS E 396 15.31 8.45 21.75
CA LYS E 396 16.03 8.31 20.49
C LYS E 396 17.42 7.74 20.72
N LEU E 397 18.27 8.48 21.42
CA LEU E 397 19.61 8.01 21.71
C LEU E 397 19.60 6.62 22.32
N PHE E 398 18.64 6.37 23.20
CA PHE E 398 18.51 5.07 23.84
C PHE E 398 18.39 3.98 22.78
N LYS E 399 17.37 4.11 21.92
CA LYS E 399 17.12 3.15 20.85
C LYS E 399 18.31 3.06 19.89
N LEU E 400 18.74 4.21 19.38
CA LEU E 400 19.85 4.28 18.44
C LEU E 400 21.08 3.52 18.92
N SER E 401 21.37 3.62 20.21
CA SER E 401 22.52 2.94 20.78
C SER E 401 22.34 1.43 20.81
N ARG E 402 21.11 0.98 20.60
CA ARG E 402 20.81 -0.45 20.61
C ARG E 402 20.32 -0.94 19.25
N GLY E 403 20.32 -0.04 18.28
CA GLY E 403 19.90 -0.37 16.93
C GLY E 403 18.43 -0.73 16.80
N ARG E 404 17.56 -0.03 17.52
CA ARG E 404 16.13 -0.32 17.47
C ARG E 404 15.27 0.93 17.30
N TYR E 405 15.81 1.94 16.62
CA TYR E 405 15.08 3.19 16.38
C TYR E 405 14.50 3.14 14.97
N GLY E 406 13.38 2.43 14.82
CA GLY E 406 12.75 2.29 13.52
C GLY E 406 11.85 3.42 13.07
N LEU E 407 12.27 4.14 12.04
CA LEU E 407 11.49 5.24 11.49
C LEU E 407 10.67 4.74 10.32
N PRO E 408 9.42 5.21 10.20
CA PRO E 408 8.55 4.78 9.10
C PRO E 408 9.06 5.30 7.77
N LEU E 409 8.92 4.51 6.72
CA LEU E 409 9.37 4.94 5.41
C LEU E 409 8.39 5.95 4.83
N SER E 410 8.44 7.16 5.33
CA SER E 410 7.56 8.22 4.86
C SER E 410 7.86 8.52 3.40
N SER E 411 7.05 9.38 2.80
CA SER E 411 7.26 9.77 1.41
C SER E 411 7.76 11.20 1.40
N ARG E 412 8.52 11.56 0.37
CA ARG E 412 9.03 12.92 0.27
C ARG E 412 7.86 13.89 0.11
N PRO E 413 7.81 14.94 0.95
CA PRO E 413 6.75 15.94 0.92
C PRO E 413 6.71 16.70 -0.40
N VAL E 414 5.54 17.25 -0.72
CA VAL E 414 5.36 18.00 -1.96
C VAL E 414 6.32 19.19 -2.02
N VAL E 415 6.93 19.39 -3.19
CA VAL E 415 7.87 20.48 -3.39
C VAL E 415 7.21 21.84 -3.13
N LYS E 416 7.95 22.73 -2.48
CA LYS E 416 7.45 24.05 -2.17
C LYS E 416 7.96 25.07 -3.18
N SER E 417 9.21 24.92 -3.59
CA SER E 417 9.79 25.86 -4.54
C SER E 417 10.91 25.25 -5.36
N MET E 418 11.30 25.96 -6.41
CA MET E 418 12.37 25.52 -7.28
C MET E 418 13.18 26.73 -7.72
N MET E 419 14.45 26.74 -7.34
CA MET E 419 15.32 27.84 -7.72
C MET E 419 16.32 27.41 -8.78
N SER E 420 16.87 28.38 -9.48
CA SER E 420 17.86 28.16 -10.51
C SER E 420 18.70 29.42 -10.53
N ASN E 421 19.95 29.34 -10.08
CA ASN E 421 20.80 30.53 -10.04
C ASN E 421 22.16 30.40 -10.68
N LYS E 422 22.94 31.47 -10.56
CA LYS E 422 24.29 31.54 -11.10
C LYS E 422 25.11 32.57 -10.32
N ASN E 423 25.99 32.11 -9.44
CA ASN E 423 26.82 33.05 -8.69
C ASN E 423 27.81 33.63 -9.69
N LEU E 424 27.48 34.82 -10.15
CA LEU E 424 28.29 35.52 -11.14
C LEU E 424 29.67 35.94 -10.68
N ARG E 425 30.65 35.66 -11.52
CA ARG E 425 32.03 36.02 -11.26
C ARG E 425 32.48 36.80 -12.52
N GLY E 426 33.24 37.86 -12.32
CA GLY E 426 33.69 38.66 -13.45
C GLY E 426 32.63 39.66 -13.87
N LYS E 427 32.79 40.24 -15.06
CA LYS E 427 31.81 41.20 -15.54
C LYS E 427 30.82 40.56 -16.50
N SER E 428 30.45 39.31 -16.23
CA SER E 428 29.49 38.62 -17.07
C SER E 428 28.22 39.45 -17.14
N CYS E 429 27.36 39.29 -16.14
CA CYS E 429 26.10 40.02 -16.07
C CYS E 429 26.39 41.50 -15.81
N ASN E 430 26.73 42.22 -16.86
CA ASN E 430 27.06 43.63 -16.76
C ASN E 430 25.98 44.59 -17.27
N SER E 431 24.94 44.06 -17.89
CA SER E 431 23.86 44.90 -18.41
C SER E 431 22.50 44.21 -18.24
N ILE E 432 21.47 44.83 -18.78
CA ILE E 432 20.12 44.28 -18.69
C ILE E 432 20.02 43.05 -19.59
N VAL E 433 20.50 43.16 -20.83
CA VAL E 433 20.46 42.04 -21.76
C VAL E 433 21.18 40.86 -21.15
N ASP E 434 22.29 41.14 -20.47
CA ASP E 434 23.04 40.07 -19.82
C ASP E 434 22.13 39.35 -18.84
N CYS E 435 21.38 40.11 -18.05
CA CYS E 435 20.46 39.53 -17.09
C CYS E 435 19.49 38.63 -17.84
N ILE E 436 18.89 39.18 -18.89
CA ILE E 436 17.93 38.44 -19.68
C ILE E 436 18.53 37.14 -20.20
N SER E 437 19.72 37.21 -20.79
CA SER E 437 20.35 36.00 -21.32
C SER E 437 20.39 34.87 -20.31
N TRP E 438 20.73 35.19 -19.05
CA TRP E 438 20.77 34.17 -18.00
C TRP E 438 19.36 33.68 -17.70
N LEU E 439 18.39 34.60 -17.73
CA LEU E 439 17.00 34.28 -17.47
C LEU E 439 16.54 33.18 -18.40
N GLU E 440 16.97 33.25 -19.65
CA GLU E 440 16.61 32.24 -20.62
C GLU E 440 17.08 30.89 -20.13
N VAL E 441 18.27 30.86 -19.55
CA VAL E 441 18.82 29.62 -19.03
C VAL E 441 17.96 29.12 -17.87
N PHE E 442 17.77 29.94 -16.84
CA PHE E 442 16.98 29.55 -15.68
C PHE E 442 15.60 29.00 -16.03
N CYS E 443 14.97 29.57 -17.06
CA CYS E 443 13.65 29.10 -17.47
C CYS E 443 13.73 27.71 -18.11
N ALA E 444 14.67 27.55 -19.04
CA ALA E 444 14.84 26.28 -19.72
C ALA E 444 15.03 25.18 -18.68
N GLU E 445 15.78 25.47 -17.62
CA GLU E 445 16.01 24.48 -16.58
C GLU E 445 14.77 24.28 -15.71
N LEU E 446 14.23 25.36 -15.18
CA LEU E 446 13.04 25.24 -14.34
C LEU E 446 11.97 24.46 -15.09
N THR E 447 11.72 24.86 -16.33
CA THR E 447 10.73 24.19 -17.18
C THR E 447 11.01 22.70 -17.18
N SER E 448 12.28 22.35 -17.43
CA SER E 448 12.71 20.97 -17.45
C SER E 448 12.35 20.26 -16.15
N ARG E 449 12.68 20.91 -15.03
CA ARG E 449 12.41 20.34 -13.71
C ARG E 449 10.92 20.21 -13.39
N ILE E 450 10.11 21.06 -14.01
CA ILE E 450 8.67 21.02 -13.79
C ILE E 450 8.13 19.71 -14.38
N GLN E 451 8.65 19.34 -15.55
CA GLN E 451 8.21 18.10 -16.20
C GLN E 451 8.57 16.92 -15.30
N ASP E 452 9.81 16.90 -14.81
CA ASP E 452 10.26 15.83 -13.94
C ASP E 452 9.33 15.71 -12.73
N LEU E 453 8.82 16.84 -12.26
CA LEU E 453 7.90 16.84 -11.14
C LEU E 453 6.62 16.11 -11.47
N GLU E 454 5.99 16.51 -12.56
CA GLU E 454 4.74 15.87 -12.97
C GLU E 454 4.94 14.36 -13.07
N GLN E 455 6.10 13.94 -13.53
CA GLN E 455 6.38 12.52 -13.65
C GLN E 455 6.32 11.81 -12.31
N GLU E 456 6.75 12.49 -11.26
CA GLU E 456 6.75 11.90 -9.92
C GLU E 456 5.37 11.90 -9.27
N TYR E 457 4.71 13.06 -9.26
CA TYR E 457 3.38 13.17 -8.65
C TYR E 457 2.29 12.71 -9.62
N ASN E 458 2.68 12.47 -10.86
CA ASN E 458 1.75 12.04 -11.90
C ASN E 458 0.54 12.96 -11.98
N LYS E 459 0.73 14.20 -11.53
CA LYS E 459 -0.34 15.19 -11.57
C LYS E 459 0.21 16.51 -12.10
N ILE E 460 -0.61 17.27 -12.81
CA ILE E 460 -0.20 18.55 -13.38
C ILE E 460 0.34 19.50 -12.31
N VAL E 461 1.49 20.10 -12.59
CA VAL E 461 2.13 21.03 -11.68
C VAL E 461 2.55 22.30 -12.40
N ILE E 462 2.14 23.45 -11.87
CA ILE E 462 2.49 24.73 -12.47
C ILE E 462 2.67 25.81 -11.41
N PRO E 463 3.75 26.60 -11.51
CA PRO E 463 4.03 27.67 -10.58
C PRO E 463 3.06 28.83 -10.78
N ARG E 464 2.54 29.36 -9.68
CA ARG E 464 1.61 30.46 -9.75
C ARG E 464 2.28 31.79 -9.44
N THR E 465 3.56 31.72 -9.07
CA THR E 465 4.31 32.93 -8.74
C THR E 465 5.82 32.81 -8.97
N VAL E 466 6.40 33.81 -9.63
CA VAL E 466 7.83 33.85 -9.92
C VAL E 466 8.50 34.81 -8.94
N SER E 467 9.82 34.79 -8.91
CA SER E 467 10.57 35.67 -8.02
C SER E 467 11.99 35.86 -8.53
N ILE E 468 12.40 37.12 -8.68
CA ILE E 468 13.74 37.41 -9.15
C ILE E 468 14.53 38.11 -8.06
N SER E 469 15.76 37.67 -7.86
CA SER E 469 16.63 38.25 -6.85
C SER E 469 18.04 38.32 -7.40
N LEU E 470 18.82 39.23 -6.86
CA LEU E 470 20.20 39.41 -7.30
C LEU E 470 21.06 40.05 -6.22
N LYS E 471 22.34 40.19 -6.53
CA LYS E 471 23.28 40.81 -5.62
C LYS E 471 24.16 41.73 -6.43
N THR E 472 24.16 43.00 -6.04
CA THR E 472 24.91 44.03 -6.71
C THR E 472 26.42 43.89 -6.56
N LYS E 473 27.15 44.78 -7.19
CA LYS E 473 28.60 44.81 -7.14
C LYS E 473 29.07 44.80 -5.69
N SER E 474 28.36 45.53 -4.83
CA SER E 474 28.69 45.61 -3.41
C SER E 474 27.96 44.59 -2.54
N TYR E 475 27.33 43.61 -3.19
CA TYR E 475 26.62 42.52 -2.52
C TYR E 475 25.28 42.82 -1.86
N GLU E 476 24.63 43.89 -2.30
CA GLU E 476 23.32 44.26 -1.75
C GLU E 476 22.27 43.37 -2.40
N VAL E 477 21.16 43.15 -1.73
CA VAL E 477 20.11 42.29 -2.25
C VAL E 477 18.84 42.98 -2.72
N TYR E 478 18.52 42.80 -4.00
CA TYR E 478 17.30 43.35 -4.60
C TYR E 478 16.48 42.15 -4.99
N ARG E 479 15.15 42.29 -4.97
CA ARG E 479 14.30 41.17 -5.32
C ARG E 479 12.85 41.58 -5.52
N LYS E 480 12.27 41.14 -6.63
CA LYS E 480 10.88 41.44 -6.94
C LYS E 480 10.11 40.14 -7.07
N SER E 481 9.00 40.04 -6.32
CA SER E 481 8.17 38.85 -6.33
C SER E 481 6.78 39.20 -6.87
N GLY E 482 6.19 38.29 -7.63
CA GLY E 482 4.87 38.54 -8.18
C GLY E 482 4.25 37.31 -8.83
N PRO E 483 2.93 37.32 -9.08
CA PRO E 483 2.21 36.20 -9.69
C PRO E 483 2.37 36.08 -11.20
N VAL E 484 2.57 34.86 -11.68
CA VAL E 484 2.72 34.60 -13.11
C VAL E 484 1.38 34.11 -13.65
N ALA E 485 0.87 34.77 -14.68
CA ALA E 485 -0.41 34.41 -15.28
C ALA E 485 -0.26 33.60 -16.56
N TYR E 486 -1.05 32.55 -16.68
CA TYR E 486 -1.02 31.69 -17.85
C TYR E 486 -2.30 31.81 -18.67
N LYS E 487 -2.15 32.15 -19.95
CA LYS E 487 -3.30 32.29 -20.83
C LYS E 487 -3.05 31.64 -22.18
N GLY E 488 -3.91 30.69 -22.53
CA GLY E 488 -3.77 29.99 -23.80
C GLY E 488 -3.45 28.52 -23.65
N ILE E 489 -2.17 28.19 -23.59
CA ILE E 489 -1.74 26.80 -23.48
C ILE E 489 -0.82 26.61 -22.27
N ASN E 490 -1.02 27.42 -21.24
CA ASN E 490 -0.21 27.35 -20.01
C ASN E 490 1.27 27.04 -20.24
N PHE E 491 1.88 27.72 -21.22
CA PHE E 491 3.29 27.54 -21.54
C PHE E 491 4.18 27.93 -20.37
N GLN E 492 4.37 27.01 -19.43
CA GLN E 492 5.21 27.28 -18.27
C GLN E 492 6.69 27.26 -18.65
N SER E 493 6.99 27.72 -19.86
CA SER E 493 8.35 27.78 -20.37
C SER E 493 8.55 29.02 -21.23
N HIS E 494 7.58 29.93 -21.18
CA HIS E 494 7.64 31.17 -21.93
C HIS E 494 7.12 32.33 -21.10
N GLU E 495 5.85 32.25 -20.71
CA GLU E 495 5.25 33.30 -19.91
C GLU E 495 6.00 33.46 -18.59
N LEU E 496 6.72 32.42 -18.21
CA LEU E 496 7.50 32.44 -16.98
C LEU E 496 8.64 33.43 -17.23
N LEU E 497 9.29 33.28 -18.38
CA LEU E 497 10.39 34.15 -18.77
C LEU E 497 9.90 35.58 -19.01
N LYS E 498 8.67 35.69 -19.51
CA LYS E 498 8.09 37.00 -19.79
C LYS E 498 8.02 37.83 -18.52
N VAL E 499 7.55 37.22 -17.44
CA VAL E 499 7.45 37.89 -16.16
C VAL E 499 8.85 38.16 -15.62
N GLY E 500 9.73 37.18 -15.77
CA GLY E 500 11.09 37.33 -15.30
C GLY E 500 11.73 38.58 -15.86
N ILE E 501 11.60 38.79 -17.16
CA ILE E 501 12.17 39.96 -17.80
C ILE E 501 11.64 41.27 -17.21
N LYS E 502 10.32 41.37 -17.07
CA LYS E 502 9.75 42.58 -16.50
C LYS E 502 10.44 42.86 -15.17
N PHE E 503 10.36 41.89 -14.27
CA PHE E 503 10.95 41.99 -12.94
C PHE E 503 12.42 42.39 -12.96
N VAL E 504 13.21 41.70 -13.76
CA VAL E 504 14.63 42.03 -13.84
C VAL E 504 14.77 43.44 -14.41
N THR E 505 13.81 43.86 -15.24
CA THR E 505 13.84 45.19 -15.83
C THR E 505 13.41 46.26 -14.84
N ASP E 506 12.44 45.94 -14.00
CA ASP E 506 11.95 46.88 -13.00
C ASP E 506 13.03 47.16 -11.96
N LEU E 507 13.86 46.16 -11.71
CA LEU E 507 14.95 46.26 -10.75
C LEU E 507 16.10 47.05 -11.37
N ASP E 508 16.24 46.95 -12.68
CA ASP E 508 17.29 47.67 -13.40
C ASP E 508 17.02 49.16 -13.24
N ILE E 509 15.74 49.50 -13.14
CA ILE E 509 15.30 50.89 -12.99
C ILE E 509 15.41 51.34 -11.54
N LYS E 510 15.22 50.40 -10.61
CA LYS E 510 15.27 50.74 -9.19
C LYS E 510 16.68 51.06 -8.69
N GLY E 511 17.69 50.67 -9.46
CA GLY E 511 19.06 50.94 -9.05
C GLY E 511 19.90 51.55 -10.15
N LYS E 512 19.45 52.68 -10.69
CA LYS E 512 20.16 53.35 -11.77
C LYS E 512 21.43 54.10 -11.38
N ASN E 513 21.37 54.89 -10.31
CA ASN E 513 22.53 55.64 -9.86
C ASN E 513 23.02 55.12 -8.53
N LYS E 514 22.99 53.80 -8.39
CA LYS E 514 23.44 53.14 -7.17
C LYS E 514 24.35 51.97 -7.50
N SER E 515 25.00 51.42 -6.48
CA SER E 515 25.89 50.30 -6.69
C SER E 515 24.99 49.18 -7.21
N TYR E 516 25.28 48.71 -8.42
CA TYR E 516 24.49 47.65 -9.04
C TYR E 516 25.36 46.70 -9.88
N TYR E 517 25.56 47.02 -11.16
CA TYR E 517 26.38 46.18 -12.04
C TYR E 517 27.88 46.39 -11.75
N PRO E 518 28.69 45.34 -11.94
CA PRO E 518 28.33 43.99 -12.38
C PRO E 518 27.66 43.21 -11.26
N LEU E 519 26.56 42.53 -11.59
CA LEU E 519 25.86 41.73 -10.59
C LEU E 519 26.74 40.58 -10.15
N THR E 520 26.64 40.21 -8.87
CA THR E 520 27.43 39.13 -8.31
C THR E 520 26.62 37.85 -8.15
N LYS E 521 25.30 37.97 -8.22
CA LYS E 521 24.41 36.83 -8.10
C LYS E 521 23.06 37.16 -8.74
N LEU E 522 22.44 36.16 -9.37
CA LEU E 522 21.15 36.34 -10.03
C LEU E 522 20.40 35.01 -10.04
N SER E 523 19.18 35.00 -9.49
CA SER E 523 18.41 33.77 -9.44
C SER E 523 16.90 33.94 -9.62
N MET E 524 16.30 32.93 -10.26
CA MET E 524 14.86 32.89 -10.52
C MET E 524 14.26 31.76 -9.68
N THR E 525 13.13 32.02 -9.04
CA THR E 525 12.47 31.01 -8.21
C THR E 525 10.98 30.97 -8.43
N ILE E 526 10.39 29.78 -8.28
CA ILE E 526 8.97 29.61 -8.46
C ILE E 526 8.34 28.91 -7.26
N THR E 527 7.26 29.48 -6.74
CA THR E 527 6.56 28.93 -5.59
C THR E 527 5.04 28.88 -5.83
N ASN E 528 4.29 28.57 -4.79
CA ASN E 528 2.84 28.47 -4.90
C ASN E 528 2.49 27.60 -6.09
N PHE E 529 2.53 26.28 -5.89
CA PHE E 529 2.22 25.32 -6.94
C PHE E 529 0.80 24.77 -6.80
N ASP E 530 0.08 24.73 -7.91
CA ASP E 530 -1.27 24.20 -7.94
C ASP E 530 -1.19 22.77 -8.45
N ILE E 531 -1.11 21.82 -7.53
CA ILE E 531 -1.01 20.41 -7.89
C ILE E 531 -2.32 19.84 -8.42
N ILE E 532 -2.94 20.57 -9.35
CA ILE E 532 -4.21 20.14 -9.94
C ILE E 532 -3.98 19.05 -10.98
N MET F 24 -2.92 7.08 -32.76
CA MET F 24 -2.89 7.58 -31.36
C MET F 24 -3.90 6.85 -30.48
N SER F 25 -3.52 6.61 -29.23
CA SER F 25 -4.39 5.91 -28.28
C SER F 25 -5.44 6.84 -27.68
N LYS F 26 -6.54 6.25 -27.24
CA LYS F 26 -7.64 6.99 -26.65
C LYS F 26 -7.32 7.40 -25.21
N PHE F 27 -6.24 6.88 -24.67
CA PHE F 27 -5.85 7.19 -23.29
C PHE F 27 -4.51 7.93 -23.18
N THR F 28 -4.31 8.58 -22.04
CA THR F 28 -3.08 9.33 -21.76
C THR F 28 -2.13 8.57 -20.84
N TRP F 29 -0.90 9.06 -20.72
CA TRP F 29 0.07 8.41 -19.84
C TRP F 29 -0.33 8.50 -18.39
N LYS F 30 -0.98 9.59 -18.01
CA LYS F 30 -1.42 9.77 -16.64
C LYS F 30 -2.28 8.59 -16.25
N GLU F 31 -3.26 8.29 -17.10
CA GLU F 31 -4.17 7.18 -16.85
C GLU F 31 -3.44 5.85 -16.69
N LEU F 32 -2.47 5.59 -17.56
CA LEU F 32 -1.70 4.35 -17.49
C LEU F 32 -0.88 4.33 -16.21
N ILE F 33 0.03 5.30 -16.10
CA ILE F 33 0.89 5.41 -14.92
C ILE F 33 0.07 5.29 -13.64
N GLN F 34 -1.11 5.89 -13.66
CA GLN F 34 -1.99 5.88 -12.51
C GLN F 34 -2.30 4.50 -11.92
N LEU F 35 -2.25 3.47 -12.76
CA LEU F 35 -2.53 2.11 -12.30
C LEU F 35 -1.58 1.67 -11.20
N GLY F 36 -0.50 2.42 -10.99
CA GLY F 36 0.47 2.07 -9.98
C GLY F 36 0.20 2.60 -8.59
N SER F 37 -0.60 3.66 -8.50
CA SER F 37 -0.92 4.25 -7.20
C SER F 37 -2.17 3.62 -6.61
N PRO F 38 -2.05 3.02 -5.42
CA PRO F 38 -3.17 2.37 -4.71
C PRO F 38 -4.29 3.35 -4.35
N SER F 39 -3.95 4.63 -4.34
CA SER F 39 -4.89 5.68 -3.99
C SER F 39 -5.85 6.11 -5.09
N LYS F 40 -5.33 6.45 -6.26
CA LYS F 40 -6.19 6.88 -7.36
C LYS F 40 -6.13 6.04 -8.62
N ALA F 41 -6.02 4.72 -8.48
CA ALA F 41 -5.94 3.84 -9.63
C ALA F 41 -7.31 3.37 -10.12
N TYR F 42 -8.38 3.86 -9.49
CA TYR F 42 -9.73 3.47 -9.85
C TYR F 42 -10.46 4.46 -10.74
N GLU F 43 -9.95 5.70 -10.81
CA GLU F 43 -10.60 6.71 -11.64
C GLU F 43 -9.98 6.71 -13.03
N SER F 44 -8.95 5.89 -13.17
CA SER F 44 -8.19 5.75 -14.41
C SER F 44 -8.99 5.52 -15.70
N SER F 45 -10.04 4.72 -15.62
CA SER F 45 -10.87 4.37 -16.78
C SER F 45 -10.16 3.21 -17.46
N LEU F 46 -8.88 3.09 -17.15
CA LEU F 46 -8.01 2.03 -17.65
C LEU F 46 -7.89 1.00 -16.53
N ALA F 47 -8.55 1.29 -15.41
CA ALA F 47 -8.53 0.42 -14.25
C ALA F 47 -8.99 -1.00 -14.56
N CYS F 48 -8.55 -1.95 -13.74
CA CYS F 48 -8.92 -3.34 -13.91
C CYS F 48 -9.35 -3.89 -12.56
N ILE F 49 -10.66 -3.89 -12.32
CA ILE F 49 -11.21 -4.38 -11.06
C ILE F 49 -11.75 -5.79 -11.25
N ALA F 50 -11.81 -6.54 -10.16
CA ALA F 50 -12.30 -7.91 -10.21
C ALA F 50 -13.16 -8.18 -8.99
N HIS F 51 -14.20 -9.00 -9.16
CA HIS F 51 -15.08 -9.35 -8.06
C HIS F 51 -15.21 -10.87 -8.07
N ILE F 52 -15.01 -11.47 -6.91
CA ILE F 52 -15.09 -12.92 -6.80
C ILE F 52 -16.13 -13.36 -5.77
N ASP F 53 -16.98 -14.32 -6.15
CA ASP F 53 -18.02 -14.83 -5.27
C ASP F 53 -17.93 -16.34 -5.14
N MET F 54 -18.04 -16.85 -3.92
CA MET F 54 -17.99 -18.28 -3.68
C MET F 54 -19.34 -18.88 -4.05
N ASN F 55 -19.33 -19.98 -4.79
CA ASN F 55 -20.57 -20.63 -5.19
C ASN F 55 -21.10 -21.48 -4.04
N ALA F 56 -22.38 -21.30 -3.71
CA ALA F 56 -23.02 -22.03 -2.62
C ALA F 56 -22.02 -22.21 -1.48
N PHE F 57 -21.53 -21.10 -0.95
CA PHE F 57 -20.55 -21.15 0.12
C PHE F 57 -20.86 -22.15 1.23
N PHE F 58 -21.75 -21.78 2.14
CA PHE F 58 -22.11 -22.66 3.25
C PHE F 58 -22.29 -24.11 2.77
N ALA F 59 -22.84 -24.28 1.58
CA ALA F 59 -23.02 -25.63 1.04
C ALA F 59 -21.66 -26.22 0.74
N GLN F 60 -20.81 -25.47 0.03
CA GLN F 60 -19.48 -25.94 -0.32
C GLN F 60 -18.61 -26.24 0.91
N VAL F 61 -18.71 -25.43 1.95
CA VAL F 61 -17.90 -25.68 3.14
C VAL F 61 -18.34 -26.98 3.80
N GLU F 62 -19.65 -27.23 3.82
CA GLU F 62 -20.14 -28.46 4.43
C GLU F 62 -19.82 -29.64 3.53
N GLN F 63 -19.75 -29.40 2.22
CA GLN F 63 -19.43 -30.46 1.27
C GLN F 63 -17.99 -30.93 1.45
N MET F 64 -17.08 -29.97 1.56
CA MET F 64 -15.66 -30.27 1.73
C MET F 64 -15.37 -30.88 3.09
N ARG F 65 -15.97 -30.32 4.13
CA ARG F 65 -15.75 -30.81 5.48
C ARG F 65 -16.01 -32.30 5.61
N CYS F 66 -17.01 -32.80 4.89
CA CYS F 66 -17.36 -34.21 4.95
C CYS F 66 -16.81 -35.08 3.84
N GLY F 67 -15.74 -34.60 3.20
CA GLY F 67 -15.11 -35.35 2.13
C GLY F 67 -15.99 -35.65 0.92
N LEU F 68 -17.12 -34.96 0.83
CA LEU F 68 -18.04 -35.17 -0.29
C LEU F 68 -17.52 -34.45 -1.54
N SER F 69 -18.12 -34.74 -2.69
CA SER F 69 -17.71 -34.13 -3.95
C SER F 69 -18.70 -33.10 -4.47
N LYS F 70 -18.29 -32.35 -5.49
CA LYS F 70 -19.13 -31.33 -6.09
C LYS F 70 -20.34 -31.98 -6.77
N GLU F 71 -20.32 -33.30 -6.85
CA GLU F 71 -21.39 -34.06 -7.49
C GLU F 71 -22.56 -34.41 -6.58
N ASP F 72 -22.30 -34.51 -5.27
CA ASP F 72 -23.34 -34.86 -4.30
C ASP F 72 -24.29 -33.71 -3.98
N PRO F 73 -25.61 -33.96 -4.12
CA PRO F 73 -26.62 -32.93 -3.85
C PRO F 73 -26.74 -32.63 -2.36
N VAL F 74 -25.91 -31.72 -1.88
CA VAL F 74 -25.93 -31.34 -0.47
C VAL F 74 -26.52 -29.95 -0.29
N VAL F 75 -27.24 -29.77 0.81
CA VAL F 75 -27.84 -28.48 1.13
C VAL F 75 -27.57 -28.21 2.59
N CYS F 76 -27.18 -26.98 2.88
CA CYS F 76 -26.90 -26.57 4.25
C CYS F 76 -28.20 -26.10 4.88
N VAL F 77 -28.69 -26.85 5.87
CA VAL F 77 -29.93 -26.50 6.52
C VAL F 77 -29.75 -25.87 7.89
N GLN F 78 -30.82 -25.25 8.35
CA GLN F 78 -30.84 -24.61 9.66
C GLN F 78 -32.24 -24.82 10.20
N TRP F 79 -32.35 -25.56 11.30
CA TRP F 79 -33.65 -25.85 11.91
C TRP F 79 -34.53 -26.66 10.97
N ASN F 80 -35.39 -25.96 10.23
CA ASN F 80 -36.31 -26.59 9.29
C ASN F 80 -36.16 -26.07 7.88
N SER F 81 -35.42 -24.97 7.74
CA SER F 81 -35.23 -24.35 6.42
C SER F 81 -33.87 -24.64 5.80
N ILE F 82 -33.78 -24.42 4.49
CA ILE F 82 -32.55 -24.61 3.74
C ILE F 82 -31.93 -23.23 3.51
N ILE F 83 -30.65 -23.08 3.83
CA ILE F 83 -30.00 -21.79 3.67
C ILE F 83 -28.93 -21.74 2.59
N ALA F 84 -28.61 -22.89 2.01
CA ALA F 84 -27.60 -22.97 0.94
C ALA F 84 -27.85 -24.21 0.10
N VAL F 85 -27.66 -24.10 -1.21
CA VAL F 85 -27.90 -25.23 -2.10
C VAL F 85 -26.80 -25.49 -3.14
N SER F 86 -26.12 -26.62 -3.01
CA SER F 86 -25.07 -26.97 -3.95
C SER F 86 -25.70 -26.99 -5.33
N TYR F 87 -24.93 -26.64 -6.35
CA TYR F 87 -25.43 -26.61 -7.71
C TYR F 87 -25.85 -27.97 -8.24
N ALA F 88 -25.28 -29.04 -7.67
CA ALA F 88 -25.62 -30.38 -8.10
C ALA F 88 -27.03 -30.70 -7.62
N ALA F 89 -27.46 -29.97 -6.60
CA ALA F 89 -28.78 -30.14 -6.01
C ALA F 89 -29.78 -29.19 -6.64
N ARG F 90 -29.28 -28.14 -7.29
CA ARG F 90 -30.15 -27.18 -7.94
C ARG F 90 -30.65 -27.83 -9.22
N LYS F 91 -29.85 -28.70 -9.80
CA LYS F 91 -30.24 -29.39 -11.01
C LYS F 91 -31.48 -30.22 -10.76
N TYR F 92 -31.83 -30.41 -9.49
CA TYR F 92 -33.00 -31.19 -9.12
C TYR F 92 -34.17 -30.28 -8.74
N GLY F 93 -34.10 -29.02 -9.14
CA GLY F 93 -35.16 -28.08 -8.86
C GLY F 93 -35.23 -27.58 -7.43
N ILE F 94 -34.21 -27.89 -6.64
CA ILE F 94 -34.19 -27.45 -5.26
C ILE F 94 -33.79 -25.98 -5.16
N SER F 95 -34.46 -25.26 -4.26
CA SER F 95 -34.20 -23.85 -4.03
C SER F 95 -34.23 -23.57 -2.54
N ARG F 96 -33.69 -22.41 -2.15
CA ARG F 96 -33.63 -22.03 -0.75
C ARG F 96 -35.04 -21.81 -0.20
N MET F 97 -36.02 -21.82 -1.09
CA MET F 97 -37.42 -21.61 -0.70
C MET F 97 -38.09 -22.92 -0.31
N ASP F 98 -37.38 -24.02 -0.50
CA ASP F 98 -37.92 -25.33 -0.19
C ASP F 98 -37.54 -25.76 1.22
N THR F 99 -38.48 -26.39 1.91
CA THR F 99 -38.24 -26.89 3.27
C THR F 99 -37.51 -28.22 3.12
N ILE F 100 -36.76 -28.61 4.15
CA ILE F 100 -36.03 -29.86 4.11
C ILE F 100 -36.93 -30.96 3.56
N GLN F 101 -38.17 -30.99 4.05
CA GLN F 101 -39.15 -31.99 3.63
C GLN F 101 -39.41 -31.95 2.13
N GLU F 102 -39.78 -30.79 1.61
CA GLU F 102 -40.06 -30.64 0.19
C GLU F 102 -38.85 -31.00 -0.66
N ALA F 103 -37.71 -30.39 -0.35
CA ALA F 103 -36.48 -30.66 -1.08
C ALA F 103 -36.24 -32.16 -1.21
N LEU F 104 -36.54 -32.89 -0.14
CA LEU F 104 -36.36 -34.33 -0.13
C LEU F 104 -37.21 -35.00 -1.21
N LYS F 105 -38.38 -34.43 -1.49
CA LYS F 105 -39.27 -34.97 -2.50
C LYS F 105 -38.73 -34.77 -3.92
N LYS F 106 -38.05 -33.65 -4.14
CA LYS F 106 -37.48 -33.34 -5.44
C LYS F 106 -36.19 -34.14 -5.66
N CYS F 107 -35.58 -34.60 -4.57
CA CYS F 107 -34.35 -35.37 -4.63
C CYS F 107 -34.31 -36.40 -3.51
N SER F 108 -34.41 -37.68 -3.86
CA SER F 108 -34.39 -38.75 -2.86
C SER F 108 -33.01 -38.99 -2.29
N ASN F 109 -31.98 -38.74 -3.09
CA ASN F 109 -30.61 -38.92 -2.65
C ASN F 109 -30.01 -37.60 -2.13
N LEU F 110 -30.87 -36.76 -1.57
CA LEU F 110 -30.43 -35.46 -1.05
C LEU F 110 -29.62 -35.66 0.23
N ILE F 111 -28.62 -34.81 0.42
CA ILE F 111 -27.76 -34.89 1.61
C ILE F 111 -27.81 -33.60 2.42
N PRO F 112 -28.81 -33.46 3.29
CA PRO F 112 -28.94 -32.26 4.12
C PRO F 112 -27.95 -32.32 5.28
N ILE F 113 -27.35 -31.17 5.59
CA ILE F 113 -26.38 -31.08 6.68
C ILE F 113 -26.65 -29.85 7.52
N HIS F 114 -27.06 -30.07 8.77
CA HIS F 114 -27.38 -28.98 9.68
C HIS F 114 -26.11 -28.24 10.11
N THR F 115 -26.20 -26.90 10.15
CA THR F 115 -25.06 -26.08 10.56
C THR F 115 -24.66 -26.43 11.99
N ALA F 116 -23.42 -26.16 12.36
CA ALA F 116 -22.96 -26.45 13.71
C ALA F 116 -23.83 -25.62 14.65
N VAL F 117 -23.85 -25.98 15.93
CA VAL F 117 -24.67 -25.26 16.89
C VAL F 117 -24.17 -25.36 18.33
N PHE F 118 -24.75 -24.51 19.20
CA PHE F 118 -24.43 -24.50 20.62
C PHE F 118 -25.54 -25.22 21.36
N LYS F 119 -25.25 -25.70 22.56
CA LYS F 119 -26.25 -26.38 23.38
C LYS F 119 -26.29 -25.65 24.71
N LYS F 120 -27.50 -25.27 25.13
CA LYS F 120 -27.65 -24.54 26.39
C LYS F 120 -26.74 -25.13 27.46
N GLY F 121 -25.85 -24.31 27.99
CA GLY F 121 -24.94 -24.79 29.03
C GLY F 121 -23.51 -24.90 28.56
N GLU F 122 -23.29 -25.60 27.45
CA GLU F 122 -21.95 -25.79 26.91
C GLU F 122 -21.47 -24.51 26.23
N ASP F 123 -20.23 -24.13 26.52
CA ASP F 123 -19.64 -22.93 25.95
C ASP F 123 -18.79 -23.19 24.72
N PHE F 124 -19.37 -23.90 23.74
CA PHE F 124 -18.68 -24.23 22.51
C PHE F 124 -19.67 -24.78 21.50
N TRP F 125 -19.46 -24.50 20.22
CA TRP F 125 -20.36 -25.00 19.19
C TRP F 125 -19.89 -26.38 18.77
N GLN F 126 -20.77 -27.12 18.09
CA GLN F 126 -20.42 -28.46 17.66
C GLN F 126 -21.32 -28.97 16.53
N TYR F 127 -20.81 -29.92 15.76
CA TYR F 127 -21.56 -30.51 14.66
C TYR F 127 -22.23 -31.81 15.08
N HIS F 128 -23.43 -32.05 14.56
CA HIS F 128 -24.19 -33.26 14.84
C HIS F 128 -24.59 -33.91 13.54
N ASP F 129 -23.60 -34.35 12.77
CA ASP F 129 -23.87 -34.98 11.48
C ASP F 129 -24.77 -36.20 11.68
N GLY F 130 -25.86 -36.26 10.93
CA GLY F 130 -26.78 -37.37 11.03
C GLY F 130 -28.01 -37.02 11.83
N CYS F 131 -28.02 -35.82 12.42
CA CYS F 131 -29.14 -35.36 13.21
C CYS F 131 -29.80 -34.17 12.53
N GLY F 132 -31.11 -34.05 12.74
CA GLY F 132 -31.85 -32.94 12.15
C GLY F 132 -33.32 -33.25 12.13
N SER F 133 -34.13 -32.25 11.81
CA SER F 133 -35.58 -32.43 11.76
C SER F 133 -35.99 -33.49 10.73
N TRP F 134 -35.14 -33.72 9.73
CA TRP F 134 -35.43 -34.71 8.69
C TRP F 134 -35.17 -36.14 9.11
N VAL F 135 -34.54 -36.32 10.27
CA VAL F 135 -34.27 -37.66 10.79
C VAL F 135 -35.49 -38.08 11.59
N GLN F 136 -36.02 -39.26 11.28
CA GLN F 136 -37.21 -39.76 11.95
C GLN F 136 -36.98 -40.37 13.32
N ASP F 137 -35.74 -40.37 13.79
CA ASP F 137 -35.44 -40.93 15.10
C ASP F 137 -35.54 -39.81 16.14
N PRO F 138 -36.44 -39.96 17.13
CA PRO F 138 -36.64 -38.96 18.18
C PRO F 138 -35.40 -38.64 19.00
N ALA F 139 -34.40 -39.52 18.94
CA ALA F 139 -33.16 -39.32 19.69
C ALA F 139 -32.15 -38.46 18.94
N LYS F 140 -32.19 -38.52 17.61
CA LYS F 140 -31.26 -37.72 16.80
C LYS F 140 -31.91 -36.42 16.34
N GLN F 141 -32.17 -35.52 17.29
CA GLN F 141 -32.79 -34.24 16.99
C GLN F 141 -31.93 -33.05 17.40
N ILE F 142 -32.32 -31.87 16.94
CA ILE F 142 -31.61 -30.64 17.30
C ILE F 142 -32.67 -29.62 17.71
N SER F 143 -33.16 -29.78 18.93
CA SER F 143 -34.18 -28.93 19.49
C SER F 143 -33.83 -27.45 19.40
N VAL F 144 -34.51 -26.73 18.52
CA VAL F 144 -34.26 -25.31 18.36
C VAL F 144 -34.47 -24.63 19.71
N GLU F 145 -35.28 -25.27 20.56
CA GLU F 145 -35.59 -24.74 21.87
C GLU F 145 -34.36 -24.60 22.78
N ASP F 146 -33.39 -25.49 22.61
CA ASP F 146 -32.19 -25.46 23.45
C ASP F 146 -30.86 -25.40 22.70
N HIS F 147 -30.89 -24.82 21.50
CA HIS F 147 -29.67 -24.72 20.71
C HIS F 147 -29.59 -23.38 20.01
N LYS F 148 -28.41 -23.08 19.45
CA LYS F 148 -28.21 -21.82 18.75
C LYS F 148 -27.24 -22.04 17.59
N VAL F 149 -27.63 -21.57 16.42
CA VAL F 149 -26.81 -21.71 15.22
C VAL F 149 -25.52 -20.90 15.32
N SER F 150 -24.41 -21.53 14.94
CA SER F 150 -23.11 -20.85 14.96
C SER F 150 -22.57 -20.77 13.55
N LEU F 151 -22.27 -19.56 13.09
CA LEU F 151 -21.73 -19.38 11.75
C LEU F 151 -20.21 -19.31 11.72
N GLU F 152 -19.58 -19.54 12.88
CA GLU F 152 -18.12 -19.48 12.94
C GLU F 152 -17.42 -20.31 11.86
N PRO F 153 -17.84 -21.57 11.67
CA PRO F 153 -17.18 -22.40 10.64
C PRO F 153 -17.03 -21.69 9.31
N TYR F 154 -18.12 -21.06 8.88
CA TYR F 154 -18.14 -20.34 7.61
C TYR F 154 -17.25 -19.10 7.66
N ARG F 155 -17.28 -18.39 8.78
CA ARG F 155 -16.47 -17.19 8.95
C ARG F 155 -14.99 -17.58 8.94
N ARG F 156 -14.70 -18.77 9.44
CA ARG F 156 -13.33 -19.28 9.48
C ARG F 156 -12.86 -19.49 8.04
N GLU F 157 -13.62 -20.30 7.30
CA GLU F 157 -13.27 -20.58 5.91
C GLU F 157 -13.19 -19.32 5.07
N SER F 158 -14.01 -18.33 5.40
CA SER F 158 -14.02 -17.06 4.69
C SER F 158 -12.64 -16.40 4.83
N ARG F 159 -12.06 -16.51 6.01
CA ARG F 159 -10.75 -15.95 6.32
C ARG F 159 -9.62 -16.63 5.54
N LYS F 160 -9.74 -17.94 5.34
CA LYS F 160 -8.72 -18.68 4.61
C LYS F 160 -8.59 -18.17 3.19
N ALA F 161 -9.73 -17.87 2.58
CA ALA F 161 -9.75 -17.37 1.21
C ALA F 161 -9.15 -15.98 1.17
N LEU F 162 -9.52 -15.16 2.14
CA LEU F 162 -9.01 -13.80 2.20
C LEU F 162 -7.49 -13.80 2.24
N LYS F 163 -6.91 -14.51 3.20
CA LYS F 163 -5.45 -14.61 3.33
C LYS F 163 -4.80 -14.94 2.00
N ILE F 164 -5.41 -15.83 1.23
CA ILE F 164 -4.87 -16.21 -0.06
C ILE F 164 -5.03 -15.07 -1.04
N PHE F 165 -6.16 -14.37 -0.96
CA PHE F 165 -6.42 -13.25 -1.86
C PHE F 165 -5.38 -12.15 -1.67
N LYS F 166 -5.22 -11.69 -0.43
CA LYS F 166 -4.26 -10.65 -0.13
C LYS F 166 -2.83 -11.02 -0.54
N SER F 167 -2.52 -12.32 -0.51
CA SER F 167 -1.19 -12.79 -0.87
C SER F 167 -0.89 -12.60 -2.35
N ALA F 168 -1.93 -12.42 -3.16
CA ALA F 168 -1.75 -12.25 -4.59
C ALA F 168 -2.23 -10.89 -5.10
N CYS F 169 -2.69 -10.04 -4.19
CA CYS F 169 -3.17 -8.71 -4.57
C CYS F 169 -2.97 -7.70 -3.44
N ASP F 170 -2.28 -6.61 -3.74
CA ASP F 170 -1.99 -5.58 -2.76
C ASP F 170 -3.17 -4.67 -2.41
N LEU F 171 -4.36 -5.06 -2.80
CA LEU F 171 -5.55 -4.26 -2.51
C LEU F 171 -6.81 -5.11 -2.62
N VAL F 172 -7.24 -5.63 -1.47
CA VAL F 172 -8.42 -6.49 -1.38
C VAL F 172 -9.50 -5.85 -0.51
N GLU F 173 -10.76 -6.02 -0.91
CA GLU F 173 -11.88 -5.48 -0.16
C GLU F 173 -12.87 -6.60 0.14
N ARG F 174 -13.07 -6.88 1.42
CA ARG F 174 -13.99 -7.92 1.85
C ARG F 174 -15.41 -7.41 1.64
N ALA F 175 -15.98 -7.74 0.49
CA ALA F 175 -17.33 -7.31 0.14
C ALA F 175 -18.40 -7.95 1.01
N SER F 176 -18.10 -9.11 1.57
CA SER F 176 -19.04 -9.82 2.44
C SER F 176 -18.39 -11.11 2.93
N ILE F 177 -19.20 -12.03 3.44
CA ILE F 177 -18.66 -13.29 3.94
C ILE F 177 -18.20 -14.24 2.83
N ASP F 178 -18.59 -13.95 1.58
CA ASP F 178 -18.21 -14.80 0.46
C ASP F 178 -17.84 -13.98 -0.77
N GLU F 179 -17.62 -12.68 -0.60
CA GLU F 179 -17.26 -11.83 -1.72
C GLU F 179 -16.06 -10.94 -1.40
N VAL F 180 -15.34 -10.54 -2.44
CA VAL F 180 -14.19 -9.67 -2.30
C VAL F 180 -13.95 -8.97 -3.63
N PHE F 181 -13.34 -7.80 -3.57
CA PHE F 181 -13.02 -7.05 -4.77
C PHE F 181 -11.51 -7.02 -4.86
N LEU F 182 -10.99 -7.05 -6.08
CA LEU F 182 -9.55 -7.02 -6.29
C LEU F 182 -9.17 -5.93 -7.26
N ASP F 183 -8.25 -5.05 -6.84
CA ASP F 183 -7.78 -4.00 -7.73
C ASP F 183 -6.47 -4.52 -8.30
N LEU F 184 -6.53 -5.01 -9.53
CA LEU F 184 -5.35 -5.58 -10.18
C LEU F 184 -4.43 -4.53 -10.84
N GLY F 185 -4.70 -3.26 -10.55
CA GLY F 185 -3.91 -2.17 -11.11
C GLY F 185 -2.41 -2.41 -11.19
N ARG F 186 -1.74 -2.55 -10.04
CA ARG F 186 -0.30 -2.76 -10.02
C ARG F 186 0.18 -3.97 -10.81
N ILE F 187 -0.41 -5.14 -10.54
CA ILE F 187 -0.02 -6.35 -11.24
C ILE F 187 -0.03 -6.14 -12.74
N CYS F 188 -1.19 -5.73 -13.28
CA CYS F 188 -1.31 -5.49 -14.70
C CYS F 188 -0.21 -4.58 -15.22
N PHE F 189 -0.10 -3.41 -14.61
CA PHE F 189 0.90 -2.42 -14.99
C PHE F 189 2.30 -2.99 -15.01
N ASN F 190 2.72 -3.57 -13.89
CA ASN F 190 4.05 -4.16 -13.80
C ASN F 190 4.23 -5.23 -14.86
N MET F 191 3.22 -6.07 -15.02
CA MET F 191 3.29 -7.11 -16.03
C MET F 191 3.57 -6.42 -17.35
N LEU F 192 2.72 -5.45 -17.66
CA LEU F 192 2.83 -4.69 -18.90
C LEU F 192 4.19 -4.06 -19.16
N MET F 193 4.81 -3.51 -18.12
CA MET F 193 6.10 -2.84 -18.31
C MET F 193 7.36 -3.67 -18.07
N PHE F 194 7.48 -4.28 -16.88
CA PHE F 194 8.69 -5.03 -16.53
C PHE F 194 8.67 -6.55 -16.60
N ASP F 195 7.57 -7.15 -16.99
CA ASP F 195 7.53 -8.61 -17.06
C ASP F 195 8.39 -9.08 -18.23
N ASN F 196 9.25 -10.06 -17.98
CA ASN F 196 10.11 -10.57 -19.03
C ASN F 196 10.07 -12.09 -19.16
N GLU F 197 8.99 -12.70 -18.65
CA GLU F 197 8.84 -14.15 -18.72
C GLU F 197 7.60 -14.53 -19.53
N TYR F 198 6.48 -13.86 -19.27
CA TYR F 198 5.23 -14.14 -19.96
C TYR F 198 5.39 -14.31 -21.47
N GLU F 199 4.65 -15.26 -22.04
CA GLU F 199 4.70 -15.54 -23.47
C GLU F 199 3.32 -15.37 -24.09
N LEU F 200 3.26 -14.95 -25.35
CA LEU F 200 1.99 -14.78 -26.04
C LEU F 200 1.70 -16.01 -26.89
N THR F 201 2.76 -16.55 -27.50
CA THR F 201 2.65 -17.73 -28.35
C THR F 201 3.81 -18.69 -28.09
N GLY F 202 4.73 -18.77 -29.04
CA GLY F 202 5.89 -19.65 -28.89
C GLY F 202 7.10 -19.03 -29.54
N ASP F 203 6.96 -17.77 -29.93
CA ASP F 203 8.04 -17.03 -30.56
C ASP F 203 7.83 -15.54 -30.31
N LEU F 204 6.88 -15.25 -29.42
CA LEU F 204 6.57 -13.87 -29.08
C LEU F 204 6.36 -13.68 -27.59
N LYS F 205 7.22 -12.86 -26.98
CA LYS F 205 7.15 -12.57 -25.56
C LYS F 205 6.65 -11.13 -25.38
N LEU F 206 6.16 -10.81 -24.19
CA LEU F 206 5.67 -9.47 -23.91
C LEU F 206 6.72 -8.41 -24.18
N LYS F 207 7.90 -8.61 -23.61
CA LYS F 207 8.99 -7.66 -23.78
C LYS F 207 9.28 -7.39 -25.25
N ASP F 208 8.91 -8.33 -26.11
CA ASP F 208 9.13 -8.18 -27.55
C ASP F 208 7.96 -7.48 -28.21
N ALA F 209 6.75 -7.86 -27.82
CA ALA F 209 5.55 -7.28 -28.38
C ALA F 209 5.32 -5.86 -27.88
N LEU F 210 5.88 -5.53 -26.72
CA LEU F 210 5.70 -4.20 -26.15
C LEU F 210 7.01 -3.42 -25.99
N SER F 211 7.81 -3.34 -27.05
CA SER F 211 9.07 -2.62 -26.99
C SER F 211 8.86 -1.12 -26.90
N ASN F 212 8.17 -0.56 -27.89
CA ASN F 212 7.88 0.86 -27.95
C ASN F 212 7.29 1.45 -26.68
N ILE F 213 6.16 0.90 -26.22
CA ILE F 213 5.53 1.41 -25.01
C ILE F 213 6.50 1.43 -23.85
N ARG F 214 7.22 0.32 -23.64
CA ARG F 214 8.19 0.22 -22.56
C ARG F 214 9.37 1.15 -22.77
N GLU F 215 10.00 1.03 -23.95
CA GLU F 215 11.16 1.85 -24.28
C GLU F 215 10.80 3.30 -23.99
N ALA F 216 9.56 3.65 -24.29
CA ALA F 216 9.07 5.00 -24.06
C ALA F 216 9.05 5.28 -22.57
N PHE F 217 8.39 4.40 -21.81
CA PHE F 217 8.28 4.55 -20.36
C PHE F 217 9.61 4.86 -19.68
N ILE F 218 10.55 3.91 -19.71
CA ILE F 218 11.85 4.14 -19.09
C ILE F 218 12.50 5.37 -19.73
N GLY F 219 12.21 5.56 -21.02
CA GLY F 219 12.76 6.70 -21.74
C GLY F 219 12.59 8.00 -20.99
N GLY F 220 11.42 8.18 -20.39
CA GLY F 220 11.15 9.40 -19.63
C GLY F 220 10.63 10.59 -20.42
N ASN F 221 10.81 10.58 -21.74
CA ASN F 221 10.36 11.68 -22.57
C ASN F 221 8.90 11.55 -23.00
N TYR F 222 8.01 12.14 -22.20
CA TYR F 222 6.59 12.11 -22.49
C TYR F 222 5.84 13.01 -21.52
N ASP F 223 4.86 13.73 -22.04
CA ASP F 223 4.04 14.62 -21.22
C ASP F 223 2.99 13.72 -20.60
N ILE F 224 2.84 13.78 -19.29
CA ILE F 224 1.86 12.92 -18.61
C ILE F 224 0.46 13.14 -19.18
N ASN F 225 0.31 14.20 -19.96
CA ASN F 225 -1.00 14.51 -20.53
C ASN F 225 -1.12 14.16 -22.01
N SER F 226 -0.11 13.51 -22.56
CA SER F 226 -0.12 13.11 -23.96
C SER F 226 -0.85 11.78 -24.09
N HIS F 227 -1.32 11.47 -25.30
CA HIS F 227 -2.01 10.22 -25.54
C HIS F 227 -0.96 9.13 -25.72
N LEU F 228 -1.26 7.93 -25.26
CA LEU F 228 -0.33 6.80 -25.40
C LEU F 228 -0.25 6.46 -26.87
N PRO F 229 0.71 5.60 -27.25
CA PRO F 229 0.83 5.23 -28.66
C PRO F 229 -0.12 4.08 -28.99
N LEU F 230 -0.50 3.96 -30.26
CA LEU F 230 -1.40 2.89 -30.69
C LEU F 230 -0.83 1.54 -30.27
N ILE F 231 -1.68 0.67 -29.76
CA ILE F 231 -1.23 -0.65 -29.34
C ILE F 231 -0.57 -1.33 -30.54
N PRO F 232 0.52 -2.07 -30.31
CA PRO F 232 1.21 -2.76 -31.39
C PRO F 232 0.39 -3.92 -31.96
N GLU F 233 0.39 -4.07 -33.27
CA GLU F 233 -0.37 -5.12 -33.93
C GLU F 233 -0.17 -6.48 -33.27
N LYS F 234 1.04 -6.72 -32.76
CA LYS F 234 1.36 -7.98 -32.12
C LYS F 234 0.68 -8.22 -30.79
N ILE F 235 0.42 -7.17 -30.02
CA ILE F 235 -0.23 -7.34 -28.72
C ILE F 235 -1.63 -7.92 -28.86
N LYS F 236 -2.19 -7.86 -30.06
CA LYS F 236 -3.52 -8.39 -30.31
C LYS F 236 -3.55 -9.92 -30.21
N SER F 237 -2.37 -10.53 -30.14
CA SER F 237 -2.29 -11.99 -30.03
C SER F 237 -2.19 -12.39 -28.55
N LEU F 238 -2.74 -11.52 -27.69
CA LEU F 238 -2.77 -11.75 -26.26
C LEU F 238 -4.14 -12.36 -25.97
N LYS F 239 -4.18 -13.39 -25.13
CA LYS F 239 -5.44 -14.07 -24.82
C LYS F 239 -6.13 -13.68 -23.52
N PHE F 240 -7.45 -13.56 -23.60
CA PHE F 240 -8.27 -13.26 -22.43
C PHE F 240 -8.56 -14.60 -21.81
N GLU F 241 -8.62 -14.65 -20.49
CA GLU F 241 -8.93 -15.90 -19.81
C GLU F 241 -10.39 -15.82 -19.37
N GLY F 242 -11.20 -16.76 -19.83
CA GLY F 242 -12.61 -16.75 -19.46
C GLY F 242 -13.51 -16.26 -20.58
N ASP F 243 -14.79 -16.10 -20.29
CA ASP F 243 -15.76 -15.64 -21.30
C ASP F 243 -15.77 -14.13 -21.48
N VAL F 244 -15.60 -13.70 -22.73
CA VAL F 244 -15.59 -12.28 -23.07
C VAL F 244 -16.94 -11.84 -23.63
N PHE F 245 -17.82 -11.33 -22.77
CA PHE F 245 -19.14 -10.87 -23.18
C PHE F 245 -19.00 -9.98 -24.40
N ASN F 246 -19.57 -10.41 -25.53
CA ASN F 246 -19.46 -9.64 -26.77
C ASN F 246 -20.47 -10.09 -27.83
N PRO F 247 -21.77 -9.96 -27.53
CA PRO F 247 -22.84 -10.36 -28.46
C PRO F 247 -22.82 -9.64 -29.79
N GLU F 248 -22.29 -8.41 -29.81
CA GLU F 248 -22.22 -7.65 -31.05
C GLU F 248 -20.98 -8.04 -31.85
N GLY F 249 -20.20 -8.96 -31.28
CA GLY F 249 -18.99 -9.44 -31.95
C GLY F 249 -17.97 -8.38 -32.31
N ARG F 250 -17.56 -7.59 -31.32
CA ARG F 250 -16.56 -6.55 -31.55
C ARG F 250 -15.18 -7.20 -31.47
N ASP F 251 -14.15 -6.46 -31.84
CA ASP F 251 -12.80 -7.00 -31.76
C ASP F 251 -12.40 -7.11 -30.30
N LEU F 252 -11.45 -7.99 -29.99
CA LEU F 252 -11.03 -8.20 -28.63
C LEU F 252 -9.98 -7.23 -28.08
N ILE F 253 -8.85 -7.08 -28.78
CA ILE F 253 -7.81 -6.17 -28.33
C ILE F 253 -7.71 -4.99 -29.29
N THR F 254 -8.32 -3.87 -28.93
CA THR F 254 -8.30 -2.69 -29.79
C THR F 254 -7.62 -1.49 -29.16
N ASP F 255 -7.45 -1.51 -27.85
CA ASP F 255 -6.78 -0.41 -27.17
C ASP F 255 -6.19 -0.88 -25.84
N TRP F 256 -5.33 -0.05 -25.26
CA TRP F 256 -4.67 -0.39 -24.01
C TRP F 256 -5.59 -0.91 -22.90
N ASP F 257 -6.83 -0.45 -22.84
CA ASP F 257 -7.74 -0.93 -21.81
C ASP F 257 -7.93 -2.44 -21.95
N ASP F 258 -8.17 -2.91 -23.17
CA ASP F 258 -8.36 -4.34 -23.42
C ASP F 258 -7.10 -5.06 -22.96
N VAL F 259 -5.95 -4.58 -23.41
CA VAL F 259 -4.66 -5.16 -23.04
C VAL F 259 -4.61 -5.40 -21.53
N ILE F 260 -4.86 -4.34 -20.76
CA ILE F 260 -4.84 -4.45 -19.30
C ILE F 260 -5.87 -5.46 -18.81
N LEU F 261 -7.07 -5.41 -19.38
CA LEU F 261 -8.14 -6.31 -18.98
C LEU F 261 -7.77 -7.78 -19.22
N ALA F 262 -7.17 -8.07 -20.36
CA ALA F 262 -6.78 -9.43 -20.68
C ALA F 262 -5.75 -9.95 -19.68
N LEU F 263 -4.69 -9.18 -19.45
CA LEU F 263 -3.65 -9.57 -18.51
C LEU F 263 -4.28 -9.81 -17.15
N GLY F 264 -5.27 -8.99 -16.82
CA GLY F 264 -5.95 -9.14 -15.54
C GLY F 264 -6.68 -10.47 -15.46
N SER F 265 -7.36 -10.84 -16.52
CA SER F 265 -8.11 -12.10 -16.53
C SER F 265 -7.19 -13.29 -16.32
N GLN F 266 -5.96 -13.20 -16.83
CA GLN F 266 -4.98 -14.27 -16.67
C GLN F 266 -4.62 -14.37 -15.19
N VAL F 267 -4.11 -13.26 -14.66
CA VAL F 267 -3.72 -13.19 -13.26
C VAL F 267 -4.87 -13.68 -12.38
N CYS F 268 -6.07 -13.18 -12.67
CA CYS F 268 -7.25 -13.53 -11.90
C CYS F 268 -7.56 -15.03 -11.89
N LYS F 269 -7.42 -15.69 -13.03
CA LYS F 269 -7.68 -17.13 -13.13
C LYS F 269 -6.74 -17.92 -12.22
N GLY F 270 -5.47 -17.52 -12.20
CA GLY F 270 -4.51 -18.19 -11.35
C GLY F 270 -4.91 -18.11 -9.89
N ILE F 271 -5.27 -16.91 -9.45
CA ILE F 271 -5.68 -16.72 -8.07
C ILE F 271 -6.86 -17.62 -7.73
N ARG F 272 -7.84 -17.65 -8.63
CA ARG F 272 -9.01 -18.49 -8.40
C ARG F 272 -8.67 -19.97 -8.40
N ASP F 273 -7.57 -20.34 -9.05
CA ASP F 273 -7.16 -21.73 -9.07
C ASP F 273 -6.48 -22.08 -7.76
N SER F 274 -5.76 -21.13 -7.18
CA SER F 274 -5.09 -21.36 -5.91
C SER F 274 -6.13 -21.72 -4.86
N ILE F 275 -7.20 -20.94 -4.82
CA ILE F 275 -8.28 -21.17 -3.87
C ILE F 275 -8.91 -22.54 -4.07
N LYS F 276 -8.93 -23.00 -5.31
CA LYS F 276 -9.51 -24.30 -5.61
C LYS F 276 -8.57 -25.43 -5.19
N ASP F 277 -7.27 -25.20 -5.28
CA ASP F 277 -6.30 -26.20 -4.90
C ASP F 277 -6.07 -26.24 -3.39
N ILE F 278 -6.19 -25.09 -2.74
CA ILE F 278 -5.97 -25.01 -1.31
C ILE F 278 -7.24 -25.23 -0.47
N LEU F 279 -8.39 -24.85 -0.99
CA LEU F 279 -9.63 -25.02 -0.22
C LEU F 279 -10.70 -25.85 -0.92
N GLY F 280 -10.50 -26.13 -2.21
CA GLY F 280 -11.46 -26.92 -2.96
C GLY F 280 -12.75 -26.18 -3.25
N TYR F 281 -12.77 -24.89 -2.96
CA TYR F 281 -13.94 -24.06 -3.20
C TYR F 281 -13.95 -23.53 -4.64
N THR F 282 -15.14 -23.46 -5.23
CA THR F 282 -15.30 -22.97 -6.60
C THR F 282 -15.90 -21.57 -6.55
N THR F 283 -15.44 -20.70 -7.46
CA THR F 283 -15.93 -19.33 -7.48
C THR F 283 -16.27 -18.82 -8.87
N SER F 284 -17.06 -17.74 -8.90
CA SER F 284 -17.46 -17.06 -10.13
C SER F 284 -16.80 -15.68 -10.03
N CYS F 285 -16.22 -15.21 -11.12
CA CYS F 285 -15.54 -13.92 -11.10
C CYS F 285 -15.95 -13.01 -12.25
N GLY F 286 -15.82 -11.71 -12.03
CA GLY F 286 -16.15 -10.74 -13.06
C GLY F 286 -15.13 -9.63 -13.17
N LEU F 287 -14.69 -9.33 -14.39
CA LEU F 287 -13.70 -8.28 -14.59
C LEU F 287 -14.21 -7.14 -15.46
N SER F 288 -13.83 -5.93 -15.07
CA SER F 288 -14.22 -4.71 -15.78
C SER F 288 -13.51 -3.57 -15.08
N SER F 289 -13.78 -2.34 -15.50
CA SER F 289 -13.13 -1.18 -14.91
C SER F 289 -13.91 -0.52 -13.78
N THR F 290 -14.98 -1.18 -13.32
CA THR F 290 -15.78 -0.63 -12.22
C THR F 290 -16.30 -1.71 -11.28
N LYS F 291 -16.26 -1.43 -9.98
CA LYS F 291 -16.74 -2.38 -9.00
C LYS F 291 -18.16 -2.81 -9.35
N ASN F 292 -18.96 -1.85 -9.80
CA ASN F 292 -20.34 -2.10 -10.14
C ASN F 292 -20.52 -3.17 -11.21
N VAL F 293 -19.87 -2.99 -12.36
CA VAL F 293 -20.00 -3.95 -13.44
C VAL F 293 -19.44 -5.30 -13.00
N CYS F 294 -18.42 -5.29 -12.15
CA CYS F 294 -17.83 -6.54 -11.66
C CYS F 294 -18.86 -7.37 -10.93
N LYS F 295 -19.55 -6.75 -9.98
CA LYS F 295 -20.58 -7.43 -9.21
C LYS F 295 -21.53 -8.13 -10.18
N LEU F 296 -22.05 -7.37 -11.14
CA LEU F 296 -22.97 -7.91 -12.13
C LEU F 296 -22.32 -9.00 -12.97
N ALA F 297 -21.06 -8.79 -13.33
CA ALA F 297 -20.33 -9.75 -14.15
C ALA F 297 -20.08 -11.11 -13.49
N SER F 298 -19.71 -11.10 -12.20
CA SER F 298 -19.44 -12.34 -11.48
C SER F 298 -20.69 -13.16 -11.20
N ASN F 299 -21.86 -12.56 -11.39
CA ASN F 299 -23.10 -13.27 -11.15
C ASN F 299 -23.70 -13.77 -12.46
N TYR F 300 -23.25 -13.17 -13.56
CA TYR F 300 -23.73 -13.51 -14.88
C TYR F 300 -23.68 -15.01 -15.20
N LYS F 301 -22.76 -15.74 -14.59
CA LYS F 301 -22.64 -17.17 -14.84
C LYS F 301 -22.00 -17.93 -13.69
N LYS F 302 -22.64 -19.02 -13.28
CA LYS F 302 -22.14 -19.85 -12.19
C LYS F 302 -22.25 -21.29 -12.70
N PRO F 303 -21.67 -22.27 -11.98
CA PRO F 303 -20.90 -22.27 -10.74
C PRO F 303 -19.49 -21.74 -10.93
N ASP F 304 -18.75 -22.32 -11.86
CA ASP F 304 -17.39 -21.88 -12.14
C ASP F 304 -17.51 -20.66 -13.03
N ALA F 305 -16.72 -20.62 -14.10
CA ALA F 305 -16.80 -19.50 -15.03
C ALA F 305 -16.33 -18.15 -14.50
N GLN F 306 -15.87 -17.33 -15.43
CA GLN F 306 -15.36 -16.00 -15.16
C GLN F 306 -15.75 -15.14 -16.35
N THR F 307 -16.57 -14.11 -16.10
CA THR F 307 -17.03 -13.24 -17.17
C THR F 307 -16.23 -11.94 -17.27
N ILE F 308 -15.93 -11.53 -18.49
CA ILE F 308 -15.17 -10.31 -18.75
C ILE F 308 -16.02 -9.29 -19.51
N VAL F 309 -16.03 -8.05 -19.04
CA VAL F 309 -16.81 -7.01 -19.69
C VAL F 309 -15.95 -5.85 -20.18
N LYS F 310 -15.67 -5.84 -21.48
CA LYS F 310 -14.85 -4.79 -22.07
C LYS F 310 -15.59 -3.47 -22.00
N ASN F 311 -14.85 -2.37 -22.05
CA ASN F 311 -15.47 -1.05 -21.99
C ASN F 311 -16.40 -0.87 -23.18
N ASP F 312 -15.97 -1.27 -24.36
CA ASP F 312 -16.81 -1.11 -25.55
C ASP F 312 -18.05 -2.01 -25.50
N CYS F 313 -18.17 -2.82 -24.46
CA CYS F 313 -19.32 -3.72 -24.32
C CYS F 313 -20.20 -3.39 -23.12
N LEU F 314 -19.80 -2.41 -22.32
CA LEU F 314 -20.58 -2.02 -21.14
C LEU F 314 -22.06 -1.88 -21.46
N LEU F 315 -22.39 -1.02 -22.41
CA LEU F 315 -23.79 -0.82 -22.77
C LEU F 315 -24.42 -2.10 -23.28
N ASP F 316 -23.71 -2.82 -24.14
CA ASP F 316 -24.23 -4.07 -24.66
C ASP F 316 -24.55 -5.01 -23.49
N PHE F 317 -23.71 -4.95 -22.47
CA PHE F 317 -23.87 -5.79 -21.28
C PHE F 317 -24.97 -5.30 -20.34
N LEU F 318 -25.06 -3.98 -20.15
CA LEU F 318 -26.08 -3.43 -19.26
C LEU F 318 -27.50 -3.61 -19.79
N ASP F 319 -27.65 -3.65 -21.11
CA ASP F 319 -28.96 -3.84 -21.70
C ASP F 319 -29.16 -5.26 -22.23
N CYS F 320 -28.35 -6.20 -21.73
CA CYS F 320 -28.48 -7.57 -22.19
C CYS F 320 -29.83 -8.18 -21.84
N GLY F 321 -30.59 -7.49 -21.00
CA GLY F 321 -31.92 -7.97 -20.62
C GLY F 321 -31.99 -8.79 -19.35
N LYS F 322 -31.04 -8.57 -18.44
CA LYS F 322 -31.02 -9.31 -17.18
C LYS F 322 -30.84 -8.37 -16.01
N PHE F 323 -30.28 -7.19 -16.29
CA PHE F 323 -30.02 -6.20 -15.27
C PHE F 323 -30.96 -5.00 -15.30
N GLU F 324 -31.29 -4.51 -14.12
CA GLU F 324 -32.16 -3.36 -13.96
C GLU F 324 -31.48 -2.44 -12.96
N ILE F 325 -31.94 -1.19 -12.89
CA ILE F 325 -31.36 -0.22 -11.98
C ILE F 325 -31.22 -0.76 -10.56
N THR F 326 -32.19 -1.56 -10.13
CA THR F 326 -32.16 -2.12 -8.78
C THR F 326 -31.21 -3.32 -8.68
N SER F 327 -30.46 -3.57 -9.74
CA SER F 327 -29.51 -4.68 -9.74
C SER F 327 -28.12 -4.18 -9.38
N PHE F 328 -27.95 -2.86 -9.39
CA PHE F 328 -26.67 -2.25 -9.07
C PHE F 328 -26.30 -2.40 -7.59
N TRP F 329 -25.04 -2.08 -7.31
CA TRP F 329 -24.52 -2.13 -5.95
C TRP F 329 -25.07 -0.89 -5.24
N THR F 330 -25.46 -1.05 -3.99
CA THR F 330 -26.02 0.04 -3.18
C THR F 330 -27.43 0.44 -3.58
N LEU F 331 -27.88 0.03 -4.76
CA LEU F 331 -29.22 0.35 -5.23
C LEU F 331 -30.12 -0.88 -5.23
N GLY F 332 -29.78 -1.86 -4.41
CA GLY F 332 -30.57 -3.08 -4.33
C GLY F 332 -31.38 -3.06 -3.05
N GLY F 333 -31.46 -1.88 -2.43
CA GLY F 333 -32.19 -1.75 -1.19
C GLY F 333 -33.40 -0.84 -1.31
N VAL F 334 -33.84 -0.32 -0.17
CA VAL F 334 -35.01 0.56 -0.13
C VAL F 334 -34.85 1.78 -1.03
N LEU F 335 -33.63 2.27 -1.18
CA LEU F 335 -33.38 3.43 -2.03
C LEU F 335 -33.65 3.07 -3.48
N GLY F 336 -33.29 1.86 -3.86
CA GLY F 336 -33.51 1.41 -5.22
C GLY F 336 -34.97 1.46 -5.62
N LYS F 337 -35.82 0.75 -4.87
CA LYS F 337 -37.24 0.71 -5.17
C LYS F 337 -37.88 2.09 -5.14
N GLU F 338 -37.42 2.95 -4.23
CA GLU F 338 -37.96 4.30 -4.15
C GLU F 338 -37.66 5.02 -5.45
N LEU F 339 -36.43 4.88 -5.93
CA LEU F 339 -36.01 5.52 -7.17
C LEU F 339 -36.90 5.10 -8.33
N ILE F 340 -37.35 3.85 -8.32
CA ILE F 340 -38.22 3.36 -9.39
C ILE F 340 -39.49 4.19 -9.45
N ASP F 341 -39.85 4.81 -8.32
CA ASP F 341 -41.05 5.62 -8.25
C ASP F 341 -40.71 7.11 -8.49
N VAL F 342 -39.69 7.59 -7.80
CA VAL F 342 -39.26 8.98 -7.94
C VAL F 342 -38.89 9.34 -9.37
N LEU F 343 -37.99 8.57 -9.97
CA LEU F 343 -37.56 8.81 -11.34
C LEU F 343 -38.60 8.28 -12.33
N ASP F 344 -39.51 7.48 -11.83
CA ASP F 344 -40.57 6.91 -12.65
C ASP F 344 -39.96 6.12 -13.80
N LEU F 345 -39.23 5.07 -13.44
CA LEU F 345 -38.55 4.21 -14.42
C LEU F 345 -39.44 3.05 -14.81
N PRO F 346 -39.31 2.55 -16.06
CA PRO F 346 -40.13 1.43 -16.51
C PRO F 346 -39.83 0.16 -15.71
N HIS F 347 -40.63 -0.88 -15.90
CA HIS F 347 -40.42 -2.13 -15.18
C HIS F 347 -39.63 -3.13 -16.02
N GLU F 348 -38.86 -2.59 -16.97
CA GLU F 348 -38.03 -3.39 -17.86
C GLU F 348 -37.16 -2.40 -18.63
N ASN F 349 -35.86 -2.67 -18.70
CA ASN F 349 -34.92 -1.80 -19.39
C ASN F 349 -34.92 -0.40 -18.79
N SER F 350 -34.82 -0.33 -17.47
CA SER F 350 -34.82 0.96 -16.78
C SER F 350 -33.47 1.64 -16.83
N ILE F 351 -32.42 0.87 -17.11
CA ILE F 351 -31.09 1.43 -17.17
C ILE F 351 -30.93 2.24 -18.45
N LYS F 352 -31.33 1.65 -19.58
CA LYS F 352 -31.24 2.33 -20.85
C LYS F 352 -32.09 3.60 -20.82
N HIS F 353 -33.22 3.52 -20.12
CA HIS F 353 -34.12 4.65 -19.98
C HIS F 353 -33.41 5.84 -19.33
N ILE F 354 -32.66 5.57 -18.27
CA ILE F 354 -31.94 6.65 -17.59
C ILE F 354 -30.91 7.26 -18.53
N ARG F 355 -30.47 6.49 -19.52
CA ARG F 355 -29.49 7.00 -20.47
C ARG F 355 -30.16 7.86 -21.54
N GLU F 356 -31.27 7.36 -22.08
CA GLU F 356 -32.00 8.05 -23.12
C GLU F 356 -32.74 9.29 -22.62
N THR F 357 -33.39 9.19 -21.47
CA THR F 357 -34.15 10.30 -20.89
C THR F 357 -33.31 11.54 -20.55
N TRP F 358 -32.09 11.32 -20.08
CA TRP F 358 -31.20 12.42 -19.72
C TRP F 358 -29.85 12.17 -20.37
N PRO F 359 -29.80 12.28 -21.71
CA PRO F 359 -28.58 12.06 -22.48
C PRO F 359 -27.80 13.32 -22.82
N ASP F 360 -26.95 13.76 -21.91
CA ASP F 360 -26.14 14.96 -22.13
C ASP F 360 -25.22 15.24 -20.94
N ASN F 361 -25.79 15.22 -19.74
CA ASN F 361 -25.03 15.49 -18.52
C ASN F 361 -25.90 15.19 -17.29
N ALA F 362 -25.24 14.90 -16.17
CA ALA F 362 -25.93 14.61 -14.93
C ALA F 362 -26.93 15.70 -14.58
N GLY F 363 -26.55 16.94 -14.84
CA GLY F 363 -27.41 18.08 -14.55
C GLY F 363 -28.87 17.85 -14.90
N GLN F 364 -29.12 17.39 -16.11
CA GLN F 364 -30.48 17.14 -16.57
C GLN F 364 -31.22 16.22 -15.60
N LEU F 365 -30.48 15.33 -14.94
CA LEU F 365 -31.10 14.41 -14.00
C LEU F 365 -31.26 15.08 -12.64
N LYS F 366 -30.30 15.96 -12.32
CA LYS F 366 -30.32 16.70 -11.07
C LYS F 366 -31.61 17.51 -11.01
N GLU F 367 -31.88 18.26 -12.07
CA GLU F 367 -33.07 19.10 -12.17
C GLU F 367 -34.39 18.32 -12.06
N PHE F 368 -34.38 17.07 -12.51
CA PHE F 368 -35.59 16.26 -12.45
C PHE F 368 -35.80 15.77 -11.02
N LEU F 369 -34.70 15.49 -10.32
CA LEU F 369 -34.78 15.02 -8.95
C LEU F 369 -35.39 16.11 -8.06
N ASP F 370 -35.00 17.35 -8.32
CA ASP F 370 -35.51 18.48 -7.55
C ASP F 370 -37.03 18.58 -7.69
N ALA F 371 -37.50 18.70 -8.92
CA ALA F 371 -38.93 18.81 -9.20
C ALA F 371 -39.71 17.72 -8.47
N LYS F 372 -39.09 16.56 -8.30
CA LYS F 372 -39.73 15.44 -7.63
C LYS F 372 -39.78 15.56 -6.11
N VAL F 373 -38.67 15.98 -5.50
CA VAL F 373 -38.62 16.12 -4.04
C VAL F 373 -39.67 17.10 -3.54
N LYS F 374 -40.14 17.96 -4.43
CA LYS F 374 -41.16 18.96 -4.08
C LYS F 374 -42.48 18.64 -4.78
N GLN F 375 -42.87 17.37 -4.73
CA GLN F 375 -44.12 16.93 -5.35
C GLN F 375 -45.20 16.83 -4.29
N SER F 376 -46.21 16.01 -4.53
CA SER F 376 -47.31 15.85 -3.59
C SER F 376 -47.35 14.47 -2.93
N ASP F 377 -46.85 13.46 -3.63
CA ASP F 377 -46.82 12.09 -3.10
C ASP F 377 -45.41 11.69 -2.70
N TYR F 378 -44.81 12.47 -1.82
CA TYR F 378 -43.45 12.24 -1.35
C TYR F 378 -43.20 12.97 -0.03
N ASP F 379 -42.74 12.24 0.98
CA ASP F 379 -42.46 12.83 2.29
C ASP F 379 -41.12 12.36 2.83
N ARG F 380 -40.29 13.30 3.26
CA ARG F 380 -38.98 12.96 3.80
C ARG F 380 -39.09 11.92 4.92
N SER F 381 -40.30 11.75 5.44
CA SER F 381 -40.56 10.80 6.50
C SER F 381 -39.95 9.45 6.11
N THR F 382 -40.53 8.82 5.09
CA THR F 382 -40.06 7.53 4.60
C THR F 382 -39.27 7.70 3.31
N SER F 383 -38.23 8.53 3.36
CA SER F 383 -37.39 8.78 2.19
C SER F 383 -35.94 8.45 2.42
N ASN F 384 -35.25 8.02 1.36
CA ASN F 384 -33.85 7.67 1.42
C ASN F 384 -33.04 8.61 0.54
N ILE F 385 -33.65 9.73 0.18
CA ILE F 385 -32.99 10.71 -0.67
C ILE F 385 -32.85 12.06 0.01
N ASP F 386 -31.63 12.60 0.01
CA ASP F 386 -31.34 13.88 0.60
C ASP F 386 -31.39 14.95 -0.47
N PRO F 387 -32.53 15.65 -0.60
CA PRO F 387 -32.69 16.71 -1.60
C PRO F 387 -31.68 17.84 -1.51
N LEU F 388 -30.83 17.81 -0.50
CA LEU F 388 -29.82 18.84 -0.34
C LEU F 388 -28.50 18.39 -0.97
N LYS F 389 -28.52 17.20 -1.56
CA LYS F 389 -27.34 16.63 -2.21
C LYS F 389 -27.75 15.76 -3.39
N THR F 390 -28.74 16.21 -4.15
CA THR F 390 -29.21 15.45 -5.31
C THR F 390 -28.20 15.54 -6.44
N ALA F 391 -27.26 16.48 -6.31
CA ALA F 391 -26.23 16.67 -7.32
C ALA F 391 -25.34 15.44 -7.43
N ASP F 392 -25.07 14.80 -6.30
CA ASP F 392 -24.24 13.61 -6.26
C ASP F 392 -25.01 12.37 -6.72
N LEU F 393 -26.26 12.24 -6.29
CA LEU F 393 -27.08 11.09 -6.69
C LEU F 393 -27.27 11.10 -8.20
N ALA F 394 -27.19 12.29 -8.79
CA ALA F 394 -27.36 12.44 -10.23
C ALA F 394 -26.10 11.96 -10.94
N GLU F 395 -24.94 12.41 -10.48
CA GLU F 395 -23.68 11.99 -11.09
C GLU F 395 -23.57 10.48 -10.98
N LYS F 396 -24.09 9.93 -9.88
CA LYS F 396 -24.04 8.49 -9.66
C LYS F 396 -24.90 7.78 -10.68
N LEU F 397 -26.20 8.09 -10.72
CA LEU F 397 -27.10 7.45 -11.66
C LEU F 397 -26.68 7.72 -13.11
N PHE F 398 -26.11 8.89 -13.35
CA PHE F 398 -25.69 9.23 -14.70
C PHE F 398 -24.58 8.31 -15.21
N LYS F 399 -23.59 8.07 -14.37
CA LYS F 399 -22.46 7.21 -14.72
C LYS F 399 -22.80 5.71 -14.63
N LEU F 400 -23.58 5.33 -13.62
CA LEU F 400 -23.95 3.94 -13.46
C LEU F 400 -24.63 3.38 -14.71
N SER F 401 -25.63 4.10 -15.20
CA SER F 401 -26.38 3.67 -16.38
C SER F 401 -25.48 3.56 -17.60
N ARG F 402 -24.40 4.34 -17.62
CA ARG F 402 -23.45 4.33 -18.72
C ARG F 402 -22.32 3.34 -18.42
N GLY F 403 -22.36 2.74 -17.24
CA GLY F 403 -21.35 1.78 -16.85
C GLY F 403 -20.00 2.34 -16.45
N ARG F 404 -19.94 3.60 -16.04
CA ARG F 404 -18.66 4.21 -15.67
C ARG F 404 -18.64 4.95 -14.33
N TYR F 405 -19.19 4.34 -13.28
CA TYR F 405 -19.21 4.94 -11.95
C TYR F 405 -18.11 4.29 -11.11
N GLY F 406 -16.96 4.95 -11.02
CA GLY F 406 -15.84 4.41 -10.28
C GLY F 406 -15.82 4.61 -8.77
N LEU F 407 -15.80 3.51 -8.04
CA LEU F 407 -15.76 3.54 -6.59
C LEU F 407 -14.42 2.99 -6.13
N PRO F 408 -13.83 3.59 -5.09
CA PRO F 408 -12.54 3.12 -4.58
C PRO F 408 -12.74 1.86 -3.74
N LEU F 409 -11.66 1.13 -3.46
CA LEU F 409 -11.77 -0.06 -2.64
C LEU F 409 -11.64 0.31 -1.16
N SER F 410 -12.70 0.92 -0.63
CA SER F 410 -12.72 1.34 0.76
C SER F 410 -12.79 0.19 1.74
N SER F 411 -12.13 0.37 2.89
CA SER F 411 -12.14 -0.63 3.93
C SER F 411 -13.52 -0.53 4.58
N ARG F 412 -13.77 -1.32 5.61
CA ARG F 412 -15.06 -1.29 6.28
C ARG F 412 -14.96 -0.60 7.64
N PRO F 413 -15.89 0.32 7.93
CA PRO F 413 -15.87 1.04 9.21
C PRO F 413 -15.93 0.07 10.38
N VAL F 414 -15.01 0.24 11.32
CA VAL F 414 -14.94 -0.62 12.50
C VAL F 414 -16.33 -0.75 13.15
N VAL F 415 -16.55 -1.89 13.80
CA VAL F 415 -17.83 -2.16 14.44
C VAL F 415 -18.02 -1.35 15.73
N LYS F 416 -19.24 -0.88 15.97
CA LYS F 416 -19.55 -0.10 17.16
C LYS F 416 -20.04 -0.98 18.30
N SER F 417 -20.76 -2.03 17.97
CA SER F 417 -21.29 -2.94 18.98
C SER F 417 -21.57 -4.34 18.46
N MET F 418 -21.80 -5.26 19.38
CA MET F 418 -22.10 -6.64 19.03
C MET F 418 -23.14 -7.20 19.99
N MET F 419 -24.09 -7.95 19.45
CA MET F 419 -25.15 -8.52 20.25
C MET F 419 -25.33 -10.01 19.98
N SER F 420 -25.73 -10.73 21.03
CA SER F 420 -26.00 -12.15 20.94
C SER F 420 -27.26 -12.30 21.75
N ASN F 421 -28.34 -12.76 21.11
CA ASN F 421 -29.61 -12.90 21.78
C ASN F 421 -30.29 -14.24 21.53
N LYS F 422 -31.29 -14.55 22.33
CA LYS F 422 -32.02 -15.79 22.19
C LYS F 422 -33.50 -15.62 22.52
N ASN F 423 -34.36 -15.92 21.55
CA ASN F 423 -35.79 -15.83 21.76
C ASN F 423 -36.19 -17.10 22.47
N LEU F 424 -36.43 -16.97 23.76
CA LEU F 424 -36.77 -18.11 24.60
C LEU F 424 -38.24 -18.51 24.51
N ARG F 425 -38.46 -19.81 24.33
CA ARG F 425 -39.80 -20.37 24.23
C ARG F 425 -39.93 -21.45 25.30
N GLY F 426 -41.09 -21.51 25.95
CA GLY F 426 -41.29 -22.50 26.98
C GLY F 426 -40.40 -22.22 28.17
N LYS F 427 -40.07 -23.27 28.93
CA LYS F 427 -39.24 -23.12 30.10
C LYS F 427 -37.75 -23.30 29.79
N SER F 428 -37.33 -22.87 28.60
CA SER F 428 -35.94 -22.99 28.21
C SER F 428 -35.00 -22.35 29.23
N CYS F 429 -35.39 -21.18 29.72
CA CYS F 429 -34.60 -20.47 30.73
C CYS F 429 -35.46 -20.30 31.96
N ASN F 430 -35.71 -21.41 32.66
CA ASN F 430 -36.57 -21.40 33.83
C ASN F 430 -35.95 -20.92 35.15
N SER F 431 -34.68 -21.23 35.39
CA SER F 431 -34.03 -20.82 36.63
C SER F 431 -32.87 -19.86 36.41
N ILE F 432 -32.22 -19.46 37.51
CA ILE F 432 -31.08 -18.56 37.44
C ILE F 432 -29.89 -19.33 36.90
N VAL F 433 -29.91 -20.64 37.13
CA VAL F 433 -28.85 -21.52 36.66
C VAL F 433 -29.11 -21.88 35.20
N ASP F 434 -29.99 -21.14 34.57
CA ASP F 434 -30.32 -21.35 33.17
C ASP F 434 -29.88 -20.12 32.39
N CYS F 435 -30.10 -18.95 32.98
CA CYS F 435 -29.69 -17.70 32.35
C CYS F 435 -28.21 -17.83 32.07
N ILE F 436 -27.44 -18.13 33.12
CA ILE F 436 -26.00 -18.29 33.00
C ILE F 436 -25.67 -19.31 31.91
N SER F 437 -26.40 -20.40 31.87
CA SER F 437 -26.17 -21.43 30.86
C SER F 437 -26.24 -20.80 29.48
N TRP F 438 -27.14 -19.83 29.32
CA TRP F 438 -27.28 -19.15 28.04
C TRP F 438 -26.17 -18.11 27.89
N LEU F 439 -25.89 -17.38 28.96
CA LEU F 439 -24.85 -16.36 28.96
C LEU F 439 -23.52 -16.97 28.50
N GLU F 440 -23.31 -18.25 28.81
CA GLU F 440 -22.07 -18.91 28.40
C GLU F 440 -22.03 -18.91 26.88
N VAL F 441 -23.14 -19.29 26.26
CA VAL F 441 -23.25 -19.34 24.81
C VAL F 441 -23.03 -17.95 24.22
N PHE F 442 -23.85 -16.99 24.66
CA PHE F 442 -23.74 -15.62 24.17
C PHE F 442 -22.29 -15.17 24.28
N CYS F 443 -21.67 -15.49 25.40
CA CYS F 443 -20.29 -15.12 25.66
C CYS F 443 -19.34 -15.81 24.67
N ALA F 444 -19.57 -17.09 24.44
CA ALA F 444 -18.74 -17.87 23.53
C ALA F 444 -18.81 -17.34 22.10
N GLU F 445 -20.02 -17.02 21.64
CA GLU F 445 -20.21 -16.51 20.29
C GLU F 445 -19.53 -15.16 20.09
N LEU F 446 -19.74 -14.24 21.03
CA LEU F 446 -19.16 -12.90 20.95
C LEU F 446 -17.63 -12.97 20.92
N THR F 447 -17.05 -13.73 21.85
CA THR F 447 -15.60 -13.88 21.91
C THR F 447 -15.11 -14.30 20.53
N SER F 448 -15.80 -15.27 19.96
CA SER F 448 -15.49 -15.79 18.64
C SER F 448 -15.41 -14.62 17.64
N ARG F 449 -16.49 -13.86 17.55
CA ARG F 449 -16.55 -12.72 16.64
C ARG F 449 -15.50 -11.65 16.94
N ILE F 450 -15.03 -11.60 18.18
CA ILE F 450 -14.01 -10.62 18.54
C ILE F 450 -12.69 -11.07 17.91
N GLN F 451 -12.36 -12.34 18.08
CA GLN F 451 -11.13 -12.89 17.53
C GLN F 451 -11.13 -12.70 16.02
N ASP F 452 -12.29 -12.92 15.41
CA ASP F 452 -12.43 -12.77 13.97
C ASP F 452 -12.04 -11.36 13.58
N LEU F 453 -12.29 -10.39 14.45
CA LEU F 453 -11.93 -9.01 14.16
C LEU F 453 -10.45 -8.78 14.36
N GLU F 454 -9.89 -9.37 15.41
CA GLU F 454 -8.46 -9.23 15.67
C GLU F 454 -7.68 -9.79 14.51
N GLN F 455 -8.40 -10.47 13.61
CA GLN F 455 -7.81 -11.05 12.42
C GLN F 455 -7.79 -9.97 11.36
N GLU F 456 -8.92 -9.30 11.19
CA GLU F 456 -9.06 -8.24 10.20
C GLU F 456 -8.22 -7.02 10.58
N TYR F 457 -8.28 -6.61 11.85
CA TYR F 457 -7.54 -5.45 12.30
C TYR F 457 -6.11 -5.81 12.68
N ASN F 458 -5.88 -7.09 12.96
CA ASN F 458 -4.57 -7.58 13.37
C ASN F 458 -4.16 -6.83 14.63
N LYS F 459 -5.15 -6.33 15.37
CA LYS F 459 -4.92 -5.60 16.61
C LYS F 459 -5.79 -6.15 17.73
N ILE F 460 -5.51 -5.72 18.96
CA ILE F 460 -6.25 -6.17 20.13
C ILE F 460 -7.60 -5.46 20.22
N VAL F 461 -8.67 -6.24 20.21
CA VAL F 461 -10.02 -5.68 20.31
C VAL F 461 -10.62 -6.13 21.64
N ILE F 462 -11.07 -5.16 22.44
CA ILE F 462 -11.66 -5.46 23.74
C ILE F 462 -12.79 -4.52 24.14
N PRO F 463 -13.97 -5.10 24.44
CA PRO F 463 -15.16 -4.34 24.84
C PRO F 463 -15.04 -3.90 26.30
N ARG F 464 -15.37 -2.64 26.58
CA ARG F 464 -15.29 -2.11 27.94
C ARG F 464 -16.65 -1.83 28.55
N THR F 465 -17.70 -2.37 27.95
CA THR F 465 -19.06 -2.18 28.45
C THR F 465 -19.95 -3.34 28.03
N VAL F 466 -20.75 -3.82 28.98
CA VAL F 466 -21.67 -4.93 28.71
C VAL F 466 -23.08 -4.51 29.08
N SER F 467 -24.06 -5.17 28.49
CA SER F 467 -25.45 -4.86 28.77
C SER F 467 -26.30 -6.12 28.67
N ILE F 468 -26.95 -6.49 29.76
CA ILE F 468 -27.79 -7.67 29.75
C ILE F 468 -29.26 -7.27 29.73
N SER F 469 -29.91 -7.51 28.60
CA SER F 469 -31.33 -7.19 28.44
C SER F 469 -32.12 -8.48 28.43
N LEU F 470 -33.27 -8.49 29.10
CA LEU F 470 -34.09 -9.69 29.15
C LEU F 470 -35.57 -9.35 29.33
N LYS F 471 -36.42 -10.10 28.64
CA LYS F 471 -37.85 -9.88 28.74
C LYS F 471 -38.44 -11.02 29.56
N THR F 472 -39.03 -10.66 30.69
CA THR F 472 -39.62 -11.60 31.63
C THR F 472 -40.82 -12.39 31.10
N LYS F 473 -41.47 -13.12 32.00
CA LYS F 473 -42.64 -13.93 31.66
C LYS F 473 -43.85 -13.06 31.38
N SER F 474 -43.96 -11.96 32.12
CA SER F 474 -45.06 -11.02 31.97
C SER F 474 -44.69 -10.01 30.89
N TYR F 475 -43.56 -10.28 30.22
CA TYR F 475 -43.05 -9.45 29.14
C TYR F 475 -42.54 -8.07 29.57
N GLU F 476 -42.04 -7.98 30.79
CA GLU F 476 -41.50 -6.70 31.27
C GLU F 476 -40.00 -6.71 31.01
N VAL F 477 -39.45 -5.56 30.64
CA VAL F 477 -38.04 -5.45 30.34
C VAL F 477 -37.16 -5.06 31.53
N TYR F 478 -36.04 -5.78 31.66
CA TYR F 478 -35.06 -5.53 32.71
C TYR F 478 -33.70 -5.46 32.03
N ARG F 479 -32.87 -4.51 32.46
CA ARG F 479 -31.54 -4.37 31.88
C ARG F 479 -30.58 -3.61 32.78
N LYS F 480 -29.29 -3.90 32.62
CA LYS F 480 -28.23 -3.25 33.38
C LYS F 480 -27.08 -3.14 32.40
N SER F 481 -26.41 -1.99 32.38
CA SER F 481 -25.31 -1.80 31.45
C SER F 481 -24.09 -1.08 32.05
N GLY F 482 -23.33 -1.79 32.85
CA GLY F 482 -22.15 -1.19 33.46
C GLY F 482 -20.87 -1.50 32.69
N PRO F 483 -19.70 -1.21 33.29
CA PRO F 483 -18.40 -1.47 32.64
C PRO F 483 -17.85 -2.85 32.96
N VAL F 484 -16.89 -3.31 32.16
CA VAL F 484 -16.27 -4.60 32.36
C VAL F 484 -14.77 -4.40 32.59
N ALA F 485 -14.27 -4.92 33.70
CA ALA F 485 -12.86 -4.78 34.05
C ALA F 485 -12.03 -6.01 33.66
N TYR F 486 -10.79 -5.76 33.25
CA TYR F 486 -9.89 -6.83 32.82
C TYR F 486 -8.59 -6.83 33.62
N LYS F 487 -8.40 -7.87 34.43
CA LYS F 487 -7.19 -8.00 35.23
C LYS F 487 -6.03 -8.49 34.37
N GLY F 488 -5.78 -7.78 33.28
CA GLY F 488 -4.70 -8.13 32.38
C GLY F 488 -4.73 -7.29 31.12
N ILE F 489 -4.66 -7.96 29.96
CA ILE F 489 -4.68 -7.27 28.67
C ILE F 489 -5.33 -8.15 27.62
N ASN F 490 -6.41 -7.65 27.03
CA ASN F 490 -7.16 -8.36 25.99
C ASN F 490 -7.95 -9.56 26.51
N PHE F 491 -7.26 -10.70 26.61
CA PHE F 491 -7.84 -11.96 27.08
C PHE F 491 -9.04 -11.79 28.02
N GLN F 492 -10.24 -11.79 27.44
CA GLN F 492 -11.46 -11.64 28.23
C GLN F 492 -12.13 -12.99 28.52
N SER F 493 -13.06 -13.39 27.66
CA SER F 493 -13.78 -14.65 27.83
C SER F 493 -14.41 -14.76 29.23
N HIS F 494 -13.73 -15.48 30.11
CA HIS F 494 -14.22 -15.68 31.47
C HIS F 494 -14.48 -14.35 32.19
N GLU F 495 -13.57 -13.40 32.05
CA GLU F 495 -13.73 -12.11 32.70
C GLU F 495 -14.81 -11.22 32.10
N LEU F 496 -15.45 -11.70 31.04
CA LEU F 496 -16.53 -10.96 30.38
C LEU F 496 -17.84 -11.58 30.84
N LEU F 497 -17.81 -12.90 31.04
CA LEU F 497 -18.98 -13.65 31.49
C LEU F 497 -19.36 -13.27 32.91
N LYS F 498 -18.36 -12.95 33.72
CA LYS F 498 -18.59 -12.58 35.11
C LYS F 498 -19.54 -11.40 35.24
N VAL F 499 -19.20 -10.31 34.56
CA VAL F 499 -20.03 -9.12 34.61
C VAL F 499 -21.47 -9.53 34.30
N GLY F 500 -21.65 -10.24 33.21
CA GLY F 500 -22.97 -10.69 32.82
C GLY F 500 -23.69 -11.40 33.94
N ILE F 501 -23.04 -12.39 34.53
CA ILE F 501 -23.63 -13.16 35.60
C ILE F 501 -24.00 -12.26 36.78
N LYS F 502 -23.17 -11.26 37.08
CA LYS F 502 -23.50 -10.35 38.17
C LYS F 502 -24.78 -9.64 37.78
N PHE F 503 -24.78 -9.06 36.58
CA PHE F 503 -25.93 -8.36 36.04
C PHE F 503 -27.20 -9.19 36.06
N VAL F 504 -27.21 -10.27 35.29
CA VAL F 504 -28.37 -11.15 35.23
C VAL F 504 -28.83 -11.51 36.65
N THR F 505 -27.91 -11.43 37.61
CA THR F 505 -28.21 -11.73 39.00
C THR F 505 -28.83 -10.52 39.72
N ASP F 506 -28.25 -9.35 39.50
CA ASP F 506 -28.78 -8.13 40.11
C ASP F 506 -30.23 -7.95 39.68
N LEU F 507 -30.53 -8.35 38.45
CA LEU F 507 -31.88 -8.24 37.92
C LEU F 507 -32.79 -9.29 38.52
N ASP F 508 -32.29 -10.53 38.64
CA ASP F 508 -33.09 -11.61 39.21
C ASP F 508 -33.58 -11.22 40.60
N ILE F 509 -32.86 -10.30 41.24
CA ILE F 509 -33.22 -9.82 42.57
C ILE F 509 -34.31 -8.75 42.47
N LYS F 510 -34.17 -7.83 41.51
CA LYS F 510 -35.14 -6.76 41.33
C LYS F 510 -36.52 -7.29 40.91
N GLY F 511 -36.61 -8.58 40.67
CA GLY F 511 -37.86 -9.18 40.27
C GLY F 511 -38.16 -10.48 41.02
N LYS F 512 -37.95 -10.46 42.33
CA LYS F 512 -38.19 -11.65 43.15
C LYS F 512 -39.69 -11.93 43.24
N ASN F 513 -40.45 -10.93 43.66
CA ASN F 513 -41.90 -11.07 43.79
C ASN F 513 -42.57 -11.15 42.41
N LYS F 514 -42.42 -10.08 41.62
CA LYS F 514 -43.01 -10.01 40.28
C LYS F 514 -42.78 -11.31 39.51
N SER F 515 -43.73 -11.66 38.63
CA SER F 515 -43.59 -12.88 37.84
C SER F 515 -42.36 -12.67 36.95
N TYR F 516 -41.31 -13.45 37.19
CA TYR F 516 -40.06 -13.32 36.44
C TYR F 516 -39.80 -14.47 35.47
N TYR F 517 -39.74 -15.70 35.98
CA TYR F 517 -39.48 -16.86 35.13
C TYR F 517 -40.78 -17.56 34.73
N PRO F 518 -40.79 -18.23 33.57
CA PRO F 518 -39.68 -18.35 32.62
C PRO F 518 -39.47 -17.08 31.79
N LEU F 519 -38.21 -16.78 31.47
CA LEU F 519 -37.89 -15.61 30.66
C LEU F 519 -38.28 -15.85 29.21
N THR F 520 -38.69 -14.78 28.53
CA THR F 520 -39.09 -14.89 27.13
C THR F 520 -37.97 -14.41 26.20
N LYS F 521 -37.09 -13.57 26.72
CA LYS F 521 -36.00 -13.02 25.93
C LYS F 521 -34.79 -12.71 26.79
N LEU F 522 -33.61 -13.08 26.30
CA LEU F 522 -32.36 -12.85 27.01
C LEU F 522 -31.30 -12.43 25.99
N SER F 523 -30.43 -11.50 26.37
CA SER F 523 -29.40 -11.03 25.45
C SER F 523 -28.22 -10.36 26.12
N MET F 524 -27.06 -10.50 25.51
CA MET F 524 -25.83 -9.89 26.00
C MET F 524 -25.26 -9.03 24.87
N THR F 525 -25.11 -7.74 25.14
CA THR F 525 -24.59 -6.82 24.13
C THR F 525 -23.37 -6.04 24.62
N ILE F 526 -22.24 -6.23 23.96
CA ILE F 526 -21.01 -5.53 24.33
C ILE F 526 -20.76 -4.33 23.40
N THR F 527 -20.28 -3.23 23.97
CA THR F 527 -20.01 -2.03 23.20
C THR F 527 -18.78 -1.29 23.72
N ASN F 528 -18.49 -0.14 23.11
CA ASN F 528 -17.34 0.67 23.51
C ASN F 528 -16.05 -0.13 23.38
N PHE F 529 -15.66 -0.41 22.14
CA PHE F 529 -14.45 -1.18 21.87
C PHE F 529 -13.22 -0.29 21.80
N ASP F 530 -12.05 -0.90 21.95
CA ASP F 530 -10.78 -0.20 21.88
C ASP F 530 -9.80 -1.07 21.11
N ILE F 531 -9.38 -0.60 19.95
CA ILE F 531 -8.44 -1.36 19.12
C ILE F 531 -6.98 -1.03 19.45
N ILE F 532 -6.38 -1.85 20.31
CA ILE F 532 -5.00 -1.66 20.73
C ILE F 532 -4.02 -2.11 19.63
PT1 CPT G . 32.35 22.44 -0.61
N1 CPT G . 32.76 22.24 1.32
N2 CPT G . 30.42 22.50 -0.19
PT1 CPT H . -34.96 -14.09 -0.08
N1 CPT H . -33.72 -13.09 -1.26
N2 CPT H . -34.02 -13.41 1.52
CA CA I . 25.72 8.45 0.79
CA CA J . 26.17 7.49 -3.64
N1 DCP K . 27.71 15.09 -4.44
C2 DCP K . 28.13 16.41 -4.58
N3 DCP K . 28.68 17.13 -3.56
C4 DCP K . 28.87 16.57 -2.28
C5 DCP K . 28.50 15.26 -1.99
C6 DCP K . 27.87 14.52 -3.17
O2 DCP K . 28.02 17.03 -5.67
N4 DCP K . 29.43 17.35 -1.35
C1' DCP K . 27.10 14.32 -5.57
C2' DCP K . 28.08 13.29 -6.10
C3' DCP K . 27.28 12.02 -6.25
C4' DCP K . 25.89 12.25 -5.63
O4' DCP K . 25.97 13.61 -5.10
O3' DCP K . 27.03 11.64 -7.59
C5' DCP K . 25.92 11.12 -4.67
O5' DCP K . 26.07 11.44 -3.31
PA DCP K . 27.20 10.55 -2.48
O1A DCP K . 26.52 9.21 -2.14
O2A DCP K . 27.57 11.36 -1.21
O3A DCP K . 28.47 10.51 -3.57
PB DCP K . 29.12 9.21 -4.36
O1B DCP K . 30.14 9.98 -5.21
O2B DCP K . 28.05 8.52 -5.26
O3B DCP K . 30.01 8.12 -3.45
PG DCP K . 29.40 6.94 -2.44
O1G DCP K . 28.60 7.68 -1.32
O2G DCP K . 30.65 6.20 -1.87
O3G DCP K . 28.48 6.05 -3.31
CA CA L . -22.68 -13.35 -2.08
CA CA M . -22.18 -16.56 -3.07
N1 DCP N . -27.39 -17.28 2.91
C2 DCP N . -28.16 -17.53 4.04
N3 DCP N . -29.47 -17.16 4.13
C4 DCP N . -30.14 -16.50 3.08
C5 DCP N . -29.48 -16.18 1.88
C6 DCP N . -28.01 -16.61 1.84
O2 DCP N . -27.70 -18.12 5.05
N4 DCP N . -31.43 -16.19 3.28
C1' DCP N . -25.94 -17.72 2.84
C2' DCP N . -25.72 -18.75 1.75
C3' DCP N . -24.27 -18.57 1.39
C4' DCP N . -23.85 -17.16 1.91
O4' DCP N . -25.09 -16.65 2.49
O3' DCP N . -23.40 -19.47 2.03
C5' DCP N . -23.38 -16.59 0.63
O5' DCP N . -24.20 -15.59 0.09
PA DCP N . -25.03 -15.92 -1.33
O1A DCP N . -24.19 -15.37 -2.49
O2A DCP N . -26.39 -15.19 -1.20
O3A DCP N . -25.28 -17.57 -1.31
PB DCP N . -24.70 -18.65 -2.42
O1B DCP N . -25.25 -19.97 -1.85
O2B DCP N . -23.15 -18.67 -2.41
O3B DCP N . -25.36 -18.42 -3.93
PG DCP N . -24.45 -18.31 -5.33
O1G DCP N . -23.49 -17.08 -5.19
O2G DCP N . -25.49 -18.13 -6.46
O3G DCP N . -23.66 -19.63 -5.42
#